data_8D7E
#
_entry.id   8D7E
#
_cell.length_a   1.00
_cell.length_b   1.00
_cell.length_c   1.00
_cell.angle_alpha   90.00
_cell.angle_beta   90.00
_cell.angle_gamma   90.00
#
_symmetry.space_group_name_H-M   'P 1'
#
loop_
_entity.id
_entity.type
_entity.pdbx_description
1 polymer 'Ciliary neurotrophic factor receptor subunit alpha'
2 polymer 'H4H25311P2 antibody Fab fragment light chain'
3 polymer 'H4H25311P2 antibody Fab fragment heavy chain'
4 polymer 'REGN8938 antibody Fab fragment light chain'
5 polymer 'REGN8938 antibody Fab fragment heavy chain'
6 branched 2-acetamido-2-deoxy-beta-D-glucopyranose-(1-4)-2-acetamido-2-deoxy-beta-D-glucopyranose
#
loop_
_entity_poly.entity_id
_entity_poly.type
_entity_poly.pdbx_seq_one_letter_code
_entity_poly.pdbx_strand_id
1 'polypeptide(L)'
;QRHSPQEAPHVQYERLGSDVTLPCGTANWDAAVTWRVNGTDLAPDLLNGSQLVLHGLELGHSGLYACFHRDSWHLRHQVL
LHVGLPPREPVLSCRSNTYPKGFYCSWHLPTPTYIPNTFNVTVLHGSKIMVCEKDPALKNRCHIRYMHLFSTIKYKVSIS
VSNALGHNATAITFDEFTIVKPDPPENVVARPVPSNPRRLEVTWQTPSTWPDPESFPLKFFLRYRPLILDQWQHVELSDG
TAHTITDAYAGKEYIIQVAAKDNEIGTWSDWSVAAHATPWTEEPRHLTTEAQAAETTTSTTSSLAPPPTTKICDPGELGS
EQKLISEEDLGGEQKLISEEDLHHHHHH
;
C
2 'polypeptide(L)'
;EIVLTQSPGTLSLSPGERATLSCRASQSVSSSYLAWYQQKPGQAPRLLIYGASSRATGIPDRFSGSGSGTDFTLTISRLE
PEDFAVYYCQQYGSSPWTFGQGTKVEIKRTVAAPSVFIFPPSDEQLKSGTASVVCLLNNFYPREAKVQWKVDNALQSGNS
QESVTEQDSKDSTYSLSSTLTLSKADYEKHKVYACEVTHQGLSSPVTKSFNRGEC
;
G
3 'polypeptide(L)'
;QVQLVESGGGVVQPGRSLRLSCVASGFTFSTSVMHWVRQAPGKGLEWVANIWYDGINKFYVDSVKGRFTISRDNSKNTLY
LQMNSLRAEDTAVYYCAREFWSAFDLWGQGTMVTVSSASTKGPSVFPLAPCSRSTSESTAALGCLVKDYFPEPVTVSWNS
GALTSGVHTFPAVLQSSGLYSLSSVVTVPSSSLGTKTYTCNVDHKPSNTKVDKRVES
;
F
4 'polypeptide(L)'
;DIQMTQSPSSLSASVGDRVTITCRASQSISSYLNWYQQKPGKAPKLLIYAASSLQSGVPSRFSGSGSGTDFTLTISSLQP
EDFATYYCQQSYSTPPITFGQGTRLEIKRTVAAPSVFIFPPSDEQLKSGTASVVCLLNNFYPREAKVQWKVDNALQSGNS
QESVTEQDSKDSTYSLSSTLTLSKADYEKHKVYACEVTHQGLSSPVTKSFNRGEC
;
E
5 'polypeptide(L)'
;QVQLVESGGDVVQPGRSLRLSCAASGFTFSYYGMHWVRQPPGKGLEWVTIISFDGSQKYYADSVKGRFTISRDNSKNTVF
LQMNSLRTEDTGFYYCAAQSSTWPEYFQYWGQGTLVTVSSASTKGPSVFPLAPCSRSTSESTAALGCLVKDYFPEPVTVS
WNSGALTSGVHTFPAVLQSSGLYSLSSVVTVPSSSLGTKTYTCNVDHKPSNTKVDKRVES
;
D
#
# COMPACT_ATOMS: atom_id res chain seq x y z
N ARG A 2 23.42 -2.18 -2.67
CA ARG A 2 22.72 -2.80 -1.56
C ARG A 2 23.16 -2.20 -0.24
N HIS A 3 22.99 -2.96 0.84
CA HIS A 3 23.40 -2.52 2.17
C HIS A 3 24.91 -2.68 2.31
N SER A 4 25.41 -2.55 3.54
CA SER A 4 26.83 -2.62 3.84
C SER A 4 27.47 -3.87 3.25
N PRO A 5 28.71 -3.78 2.75
CA PRO A 5 29.37 -4.98 2.22
C PRO A 5 29.64 -6.04 3.27
N GLN A 6 29.55 -5.71 4.55
CA GLN A 6 29.73 -6.70 5.61
C GLN A 6 28.50 -7.60 5.78
N GLU A 7 27.42 -7.29 5.08
CA GLU A 7 26.18 -8.06 5.22
C GLU A 7 26.33 -9.44 4.59
N ALA A 8 25.38 -10.31 4.93
CA ALA A 8 25.29 -11.62 4.29
C ALA A 8 24.59 -11.48 2.93
N PRO A 9 24.94 -12.33 1.97
CA PRO A 9 24.32 -12.21 0.65
C PRO A 9 22.83 -12.55 0.68
N HIS A 10 22.08 -11.92 -0.21
CA HIS A 10 20.65 -12.15 -0.30
C HIS A 10 20.36 -13.49 -0.97
N VAL A 11 19.12 -13.93 -0.86
CA VAL A 11 18.66 -15.18 -1.45
C VAL A 11 17.66 -14.84 -2.54
N GLN A 12 17.97 -15.24 -3.78
CA GLN A 12 17.12 -14.95 -4.94
C GLN A 12 16.95 -16.23 -5.73
N TYR A 13 15.70 -16.64 -5.93
CA TYR A 13 15.36 -17.86 -6.67
C TYR A 13 14.96 -17.51 -8.09
N GLU A 14 15.39 -18.34 -9.04
CA GLU A 14 15.06 -18.16 -10.44
C GLU A 14 14.70 -19.50 -11.05
N ARG A 15 14.14 -19.47 -12.26
CA ARG A 15 13.70 -20.66 -12.94
C ARG A 15 14.78 -21.19 -13.87
N LEU A 16 14.68 -22.48 -14.19
CA LEU A 16 15.61 -23.12 -15.11
C LEU A 16 15.28 -22.69 -16.54
N GLY A 17 16.30 -22.21 -17.26
CA GLY A 17 16.11 -21.73 -18.60
C GLY A 17 15.58 -20.32 -18.70
N SER A 18 15.48 -19.60 -17.59
CA SER A 18 14.97 -18.24 -17.59
C SER A 18 16.10 -17.24 -17.80
N ASP A 19 15.75 -15.96 -17.83
CA ASP A 19 16.70 -14.87 -18.01
C ASP A 19 16.52 -13.86 -16.89
N VAL A 20 17.62 -13.47 -16.26
CA VAL A 20 17.58 -12.54 -15.14
C VAL A 20 18.83 -11.70 -15.16
N THR A 21 18.71 -10.46 -14.69
CA THR A 21 19.82 -9.52 -14.60
C THR A 21 20.16 -9.26 -13.14
N LEU A 22 21.45 -9.19 -12.83
CA LEU A 22 21.94 -8.97 -11.47
C LEU A 22 22.73 -7.67 -11.41
N PRO A 23 22.15 -6.59 -10.93
CA PRO A 23 22.91 -5.34 -10.79
C PRO A 23 23.74 -5.32 -9.53
N CYS A 24 24.69 -4.39 -9.49
CA CYS A 24 25.55 -4.21 -8.32
C CYS A 24 24.91 -3.21 -7.34
N GLY A 25 23.74 -3.59 -6.86
CA GLY A 25 23.03 -2.75 -5.90
C GLY A 25 22.50 -1.49 -6.55
N THR A 26 22.62 -0.37 -5.83
CA THR A 26 22.15 0.92 -6.30
C THR A 26 23.22 1.70 -7.04
N ALA A 27 24.21 1.02 -7.61
CA ALA A 27 25.27 1.70 -8.34
C ALA A 27 24.75 2.20 -9.68
N ASN A 28 25.56 3.04 -10.33
CA ASN A 28 25.20 3.61 -11.62
C ASN A 28 25.48 2.61 -12.74
N TRP A 29 25.15 3.01 -13.97
CA TRP A 29 25.30 2.13 -15.12
C TRP A 29 26.70 2.18 -15.72
N ASP A 30 27.34 3.36 -15.71
CA ASP A 30 28.64 3.54 -16.32
C ASP A 30 29.79 3.44 -15.31
N ALA A 31 29.61 2.64 -14.27
CA ALA A 31 30.65 2.46 -13.26
C ALA A 31 31.47 1.20 -13.56
N ALA A 32 32.75 1.27 -13.19
CA ALA A 32 33.66 0.14 -13.40
C ALA A 32 33.36 -0.94 -12.36
N VAL A 33 32.88 -2.08 -12.83
CA VAL A 33 32.45 -3.17 -11.95
C VAL A 33 32.81 -4.49 -12.60
N THR A 34 33.44 -5.38 -11.83
CA THR A 34 33.74 -6.74 -12.27
C THR A 34 33.03 -7.73 -11.37
N TRP A 35 32.71 -8.91 -11.91
CA TRP A 35 31.99 -9.93 -11.18
C TRP A 35 32.85 -11.18 -11.04
N ARG A 36 32.61 -11.93 -9.96
CA ARG A 36 33.34 -13.16 -9.68
C ARG A 36 32.35 -14.20 -9.16
N VAL A 37 32.47 -15.43 -9.68
CA VAL A 37 31.64 -16.55 -9.25
C VAL A 37 32.57 -17.59 -8.61
N ASN A 38 32.34 -17.85 -7.32
CA ASN A 38 33.16 -18.81 -6.56
C ASN A 38 34.64 -18.46 -6.62
N GLY A 39 34.96 -17.17 -6.69
CA GLY A 39 36.33 -16.72 -6.76
C GLY A 39 36.95 -16.68 -8.14
N THR A 40 36.16 -16.92 -9.19
CA THR A 40 36.64 -16.88 -10.56
C THR A 40 35.98 -15.71 -11.29
N ASP A 41 36.81 -14.87 -11.89
CA ASP A 41 36.30 -13.69 -12.59
C ASP A 41 35.61 -14.10 -13.89
N LEU A 42 34.62 -13.31 -14.28
CA LEU A 42 33.84 -13.56 -15.49
C LEU A 42 34.38 -12.72 -16.65
N ALA A 43 33.83 -12.99 -17.83
CA ALA A 43 34.19 -12.28 -19.05
C ALA A 43 33.33 -11.05 -19.22
N PRO A 44 33.89 -9.96 -19.78
CA PRO A 44 33.10 -8.74 -19.99
C PRO A 44 31.97 -8.88 -20.99
N ASP A 45 31.82 -10.02 -21.66
CA ASP A 45 30.76 -10.19 -22.63
C ASP A 45 29.39 -10.34 -21.99
N LEU A 46 29.33 -10.69 -20.71
CA LEU A 46 28.07 -10.88 -20.00
C LEU A 46 27.72 -9.70 -19.10
N LEU A 47 28.29 -8.52 -19.36
CA LEU A 47 28.07 -7.34 -18.54
C LEU A 47 27.41 -6.27 -19.37
N ASN A 48 26.20 -5.86 -18.95
CA ASN A 48 25.48 -4.76 -19.59
C ASN A 48 25.72 -3.51 -18.75
N GLY A 49 26.91 -2.93 -18.90
CA GLY A 49 27.29 -1.78 -18.11
C GLY A 49 27.87 -2.18 -16.76
N SER A 50 27.05 -2.08 -15.72
CA SER A 50 27.43 -2.51 -14.37
C SER A 50 26.61 -3.70 -13.89
N GLN A 51 25.68 -4.21 -14.70
CA GLN A 51 24.84 -5.34 -14.35
C GLN A 51 25.38 -6.62 -14.97
N LEU A 52 24.97 -7.75 -14.40
CA LEU A 52 25.35 -9.07 -14.88
C LEU A 52 24.15 -9.71 -15.55
N VAL A 53 24.26 -9.99 -16.85
CA VAL A 53 23.18 -10.56 -17.64
C VAL A 53 23.50 -12.04 -17.86
N LEU A 54 22.57 -12.91 -17.46
CA LEU A 54 22.72 -14.34 -17.63
C LEU A 54 21.63 -14.86 -18.55
N HIS A 55 22.03 -15.60 -19.57
CA HIS A 55 21.11 -16.18 -20.54
C HIS A 55 21.14 -17.70 -20.43
N GLY A 56 19.96 -18.31 -20.40
CA GLY A 56 19.86 -19.75 -20.29
C GLY A 56 20.32 -20.28 -18.95
N LEU A 57 19.57 -19.95 -17.89
CA LEU A 57 19.93 -20.40 -16.56
C LEU A 57 19.82 -21.92 -16.45
N GLU A 58 20.86 -22.53 -15.90
CA GLU A 58 20.87 -23.99 -15.72
C GLU A 58 21.18 -24.35 -14.28
N LEU A 59 21.39 -25.64 -14.01
CA LEU A 59 21.72 -26.06 -12.65
C LEU A 59 23.15 -25.72 -12.27
N GLY A 60 24.00 -25.42 -13.23
CA GLY A 60 25.37 -25.03 -12.98
C GLY A 60 25.62 -23.56 -12.81
N HIS A 61 24.57 -22.74 -12.86
CA HIS A 61 24.69 -21.30 -12.70
C HIS A 61 24.37 -20.83 -11.28
N SER A 62 23.97 -21.74 -10.40
CA SER A 62 23.69 -21.37 -9.02
C SER A 62 24.98 -21.24 -8.23
N GLY A 63 25.00 -20.29 -7.29
CA GLY A 63 26.18 -20.07 -6.48
C GLY A 63 26.16 -18.67 -5.89
N LEU A 64 27.33 -18.22 -5.47
CA LEU A 64 27.51 -16.92 -4.84
C LEU A 64 28.04 -15.94 -5.89
N TYR A 65 27.22 -14.94 -6.22
CA TYR A 65 27.62 -13.87 -7.13
C TYR A 65 27.94 -12.62 -6.33
N ALA A 66 29.17 -12.14 -6.46
CA ALA A 66 29.66 -10.99 -5.71
C ALA A 66 30.11 -9.90 -6.66
N CYS A 67 29.94 -8.65 -6.23
CA CYS A 67 30.33 -7.48 -7.01
C CYS A 67 31.60 -6.88 -6.42
N PHE A 68 32.58 -6.61 -7.28
CA PHE A 68 33.85 -6.04 -6.87
C PHE A 68 34.21 -4.88 -7.78
N HIS A 69 35.12 -4.03 -7.29
CA HIS A 69 35.65 -2.95 -8.12
C HIS A 69 36.57 -3.52 -9.19
N ARG A 70 36.63 -2.81 -10.32
CA ARG A 70 37.43 -3.27 -11.45
C ARG A 70 38.90 -3.37 -11.06
N ASP A 71 39.47 -4.56 -11.22
CA ASP A 71 40.85 -4.85 -10.85
C ASP A 71 41.11 -4.55 -9.37
N SER A 72 40.23 -5.07 -8.52
CA SER A 72 40.32 -4.85 -7.09
C SER A 72 39.59 -5.97 -6.36
N TRP A 73 39.73 -5.99 -5.04
CA TRP A 73 39.08 -6.98 -4.19
C TRP A 73 38.12 -6.34 -3.19
N HIS A 74 37.70 -5.10 -3.45
CA HIS A 74 36.76 -4.40 -2.57
C HIS A 74 35.35 -4.84 -2.92
N LEU A 75 34.63 -5.36 -1.92
CA LEU A 75 33.30 -5.91 -2.14
C LEU A 75 32.25 -4.82 -2.12
N ARG A 76 31.29 -4.92 -3.04
CA ARG A 76 30.17 -3.99 -3.10
C ARG A 76 28.83 -4.67 -2.86
N HIS A 77 28.53 -5.74 -3.60
CA HIS A 77 27.23 -6.39 -3.53
C HIS A 77 27.41 -7.90 -3.62
N GLN A 78 26.56 -8.63 -2.89
CA GLN A 78 26.58 -10.09 -2.90
C GLN A 78 25.15 -10.61 -2.99
N VAL A 79 24.98 -11.75 -3.64
CA VAL A 79 23.66 -12.37 -3.79
C VAL A 79 23.87 -13.86 -4.04
N LEU A 80 23.02 -14.67 -3.41
CA LEU A 80 23.03 -16.12 -3.61
C LEU A 80 21.92 -16.49 -4.57
N LEU A 81 22.29 -17.04 -5.73
CA LEU A 81 21.35 -17.41 -6.76
C LEU A 81 21.05 -18.91 -6.67
N HIS A 82 19.76 -19.25 -6.69
CA HIS A 82 19.31 -20.63 -6.64
C HIS A 82 18.36 -20.88 -7.80
N VAL A 83 18.56 -21.98 -8.51
CA VAL A 83 17.75 -22.36 -9.65
C VAL A 83 16.87 -23.53 -9.25
N GLY A 84 15.57 -23.42 -9.50
CA GLY A 84 14.63 -24.46 -9.15
C GLY A 84 13.47 -24.49 -10.13
N LEU A 85 12.60 -25.47 -9.95
CA LEU A 85 11.44 -25.67 -10.81
C LEU A 85 10.15 -25.54 -9.99
N PRO A 86 9.05 -25.14 -10.62
CA PRO A 86 7.79 -25.06 -9.90
C PRO A 86 7.33 -26.45 -9.47
N PRO A 87 6.59 -26.55 -8.37
CA PRO A 87 6.16 -27.87 -7.90
C PRO A 87 5.09 -28.46 -8.81
N ARG A 88 5.00 -29.79 -8.75
CA ARG A 88 4.03 -30.56 -9.53
C ARG A 88 2.91 -31.05 -8.61
N GLU A 89 2.00 -31.83 -9.19
CA GLU A 89 0.92 -32.41 -8.40
C GLU A 89 1.47 -33.47 -7.46
N PRO A 90 1.30 -33.32 -6.15
CA PRO A 90 1.83 -34.33 -5.22
C PRO A 90 1.10 -35.67 -5.37
N VAL A 91 1.76 -36.72 -4.91
CA VAL A 91 1.24 -38.08 -4.95
C VAL A 91 0.82 -38.43 -3.52
N LEU A 92 -0.47 -38.27 -3.23
CA LEU A 92 -1.02 -38.55 -1.90
C LEU A 92 -1.55 -39.97 -1.85
N SER A 93 -1.15 -40.72 -0.82
CA SER A 93 -1.58 -42.10 -0.64
C SER A 93 -1.71 -42.39 0.84
N CYS A 94 -2.90 -42.79 1.26
CA CYS A 94 -3.16 -43.11 2.65
C CYS A 94 -3.22 -44.61 2.85
N ARG A 95 -2.71 -45.08 3.99
CA ARG A 95 -2.67 -46.51 4.29
C ARG A 95 -3.01 -46.72 5.76
N SER A 96 -3.85 -47.73 6.02
CA SER A 96 -4.27 -48.08 7.38
C SER A 96 -3.52 -49.34 7.79
N ASN A 97 -2.35 -49.16 8.40
CA ASN A 97 -1.57 -50.30 8.88
C ASN A 97 -2.22 -50.97 10.08
N THR A 98 -3.03 -50.24 10.84
CA THR A 98 -3.75 -50.78 11.99
C THR A 98 -5.21 -50.40 11.83
N TYR A 99 -6.08 -51.39 11.61
CA TYR A 99 -7.49 -51.09 11.41
C TYR A 99 -8.17 -50.62 12.69
N PRO A 100 -8.01 -51.26 13.85
CA PRO A 100 -8.64 -50.72 15.07
C PRO A 100 -8.12 -49.34 15.44
N LYS A 101 -6.85 -49.06 15.19
CA LYS A 101 -6.28 -47.74 15.45
C LYS A 101 -6.40 -46.87 14.21
N GLY A 102 -5.74 -45.72 14.21
CA GLY A 102 -5.80 -44.79 13.09
C GLY A 102 -4.98 -45.25 11.90
N PHE A 103 -4.89 -44.35 10.91
CA PHE A 103 -4.14 -44.59 9.69
C PHE A 103 -3.17 -43.44 9.48
N TYR A 104 -2.44 -43.49 8.36
CA TYR A 104 -1.48 -42.44 8.03
C TYR A 104 -1.52 -42.18 6.53
N CYS A 105 -1.03 -41.00 6.14
CA CYS A 105 -1.01 -40.59 4.74
C CYS A 105 0.37 -40.05 4.41
N SER A 106 0.94 -40.51 3.31
CA SER A 106 2.23 -40.05 2.82
C SER A 106 2.04 -39.27 1.52
N TRP A 107 2.95 -38.33 1.27
CA TRP A 107 2.90 -37.54 0.06
C TRP A 107 4.31 -37.16 -0.36
N HIS A 108 4.51 -37.03 -1.66
CA HIS A 108 5.81 -36.68 -2.22
C HIS A 108 5.61 -36.15 -3.63
N LEU A 109 6.59 -35.37 -4.08
CA LEU A 109 6.49 -34.81 -5.43
C LEU A 109 7.11 -35.77 -6.44
N PRO A 110 6.50 -35.90 -7.63
CA PRO A 110 7.06 -36.80 -8.65
C PRO A 110 8.40 -36.32 -9.16
N THR A 111 8.48 -35.05 -9.54
CA THR A 111 9.73 -34.46 -10.01
C THR A 111 10.40 -33.73 -8.85
N PRO A 112 11.65 -34.06 -8.52
CA PRO A 112 12.28 -33.42 -7.37
C PRO A 112 12.61 -31.95 -7.64
N THR A 113 12.58 -31.17 -6.57
CA THR A 113 12.88 -29.75 -6.61
C THR A 113 14.15 -29.47 -5.82
N TYR A 114 14.91 -28.47 -6.26
CA TYR A 114 16.18 -28.11 -5.65
C TYR A 114 16.06 -27.02 -4.60
N ILE A 115 14.83 -26.59 -4.29
CA ILE A 115 14.62 -25.57 -3.27
C ILE A 115 13.68 -26.15 -2.21
N PRO A 116 13.73 -25.66 -0.97
CA PRO A 116 12.84 -26.21 0.06
C PRO A 116 11.37 -25.93 -0.25
N ASN A 117 10.52 -26.83 0.22
CA ASN A 117 9.09 -26.76 -0.02
C ASN A 117 8.34 -26.62 1.31
N THR A 118 7.08 -26.21 1.22
CA THR A 118 6.20 -26.06 2.36
C THR A 118 4.94 -26.88 2.11
N PHE A 119 4.64 -27.81 3.01
CA PHE A 119 3.51 -28.71 2.87
C PHE A 119 2.49 -28.44 3.98
N ASN A 120 1.20 -28.53 3.64
CA ASN A 120 0.12 -28.38 4.60
C ASN A 120 -1.00 -29.34 4.22
N VAL A 121 -1.37 -30.21 5.15
CA VAL A 121 -2.37 -31.25 4.92
C VAL A 121 -3.60 -30.93 5.76
N THR A 122 -4.78 -31.10 5.16
CA THR A 122 -6.05 -30.91 5.84
C THR A 122 -6.91 -32.15 5.60
N VAL A 123 -7.36 -32.77 6.69
CA VAL A 123 -8.14 -34.00 6.64
C VAL A 123 -9.54 -33.70 7.17
N LEU A 124 -10.56 -34.15 6.43
CA LEU A 124 -11.95 -33.94 6.81
C LEU A 124 -12.68 -35.28 6.88
N HIS A 125 -13.50 -35.44 7.91
CA HIS A 125 -14.36 -36.60 8.07
C HIS A 125 -15.79 -36.10 7.92
N GLY A 126 -16.27 -36.06 6.68
CA GLY A 126 -17.56 -35.47 6.39
C GLY A 126 -17.50 -33.95 6.44
N SER A 127 -18.11 -33.37 7.46
CA SER A 127 -18.06 -31.93 7.68
C SER A 127 -17.25 -31.55 8.91
N LYS A 128 -16.73 -32.53 9.64
CA LYS A 128 -15.97 -32.27 10.86
C LYS A 128 -14.50 -31.98 10.52
N ILE A 129 -13.75 -31.61 11.56
CA ILE A 129 -12.34 -31.27 11.42
C ILE A 129 -11.51 -32.31 12.19
N MET A 130 -10.30 -32.56 11.70
CA MET A 130 -9.39 -33.50 12.32
C MET A 130 -8.07 -32.79 12.63
N VAL A 131 -7.31 -33.37 13.55
CA VAL A 131 -6.03 -32.81 13.95
C VAL A 131 -4.85 -33.63 13.44
N CYS A 132 -4.97 -34.95 13.50
CA CYS A 132 -3.94 -35.89 13.08
C CYS A 132 -2.58 -35.53 13.70
N GLU A 133 -2.54 -35.63 15.02
CA GLU A 133 -1.29 -35.44 15.75
C GLU A 133 -0.25 -36.45 15.29
N LYS A 134 0.92 -35.94 14.89
CA LYS A 134 1.97 -36.76 14.31
C LYS A 134 2.95 -37.23 15.37
N ASP A 135 3.34 -38.50 15.29
CA ASP A 135 4.42 -39.02 16.12
C ASP A 135 5.32 -40.00 15.36
N PRO A 136 5.81 -39.67 14.14
CA PRO A 136 6.67 -40.62 13.42
C PRO A 136 8.15 -40.33 13.62
N ALA A 137 9.00 -41.23 13.13
CA ALA A 137 10.41 -40.92 12.96
C ALA A 137 10.68 -40.22 11.63
N LEU A 138 9.74 -40.32 10.69
CA LEU A 138 9.83 -39.68 9.40
C LEU A 138 9.08 -38.35 9.44
N LYS A 139 8.91 -37.72 8.28
CA LYS A 139 8.05 -36.55 8.17
C LYS A 139 7.06 -36.76 7.01
N ASN A 140 6.33 -35.72 6.65
CA ASN A 140 5.30 -35.77 5.60
C ASN A 140 4.19 -36.76 5.95
N ARG A 141 3.95 -36.93 7.25
CA ARG A 141 2.91 -37.83 7.76
C ARG A 141 2.39 -37.24 9.07
N CYS A 142 1.09 -37.32 9.29
CA CYS A 142 0.53 -36.87 10.56
C CYS A 142 -0.32 -37.93 11.27
N HIS A 143 -0.58 -39.07 10.63
CA HIS A 143 -1.18 -40.24 11.27
C HIS A 143 -2.56 -39.92 11.86
N ILE A 144 -3.50 -39.66 10.95
CA ILE A 144 -4.89 -39.47 11.34
C ILE A 144 -5.37 -40.64 12.17
N ARG A 145 -6.01 -40.35 13.29
CA ARG A 145 -6.51 -41.35 14.20
C ARG A 145 -8.02 -41.48 14.06
N TYR A 146 -8.51 -42.73 14.06
CA TYR A 146 -9.94 -42.98 13.91
C TYR A 146 -10.69 -42.59 15.18
N MET A 147 -11.96 -42.26 15.00
CA MET A 147 -12.86 -41.92 16.10
C MET A 147 -14.15 -42.73 16.07
N HIS A 148 -14.67 -43.04 14.88
CA HIS A 148 -15.89 -43.82 14.74
C HIS A 148 -15.64 -44.99 13.81
N LEU A 149 -16.51 -46.00 13.91
CA LEU A 149 -16.40 -47.21 13.11
C LEU A 149 -17.76 -47.52 12.50
N PHE A 150 -17.73 -48.01 11.25
CA PHE A 150 -18.94 -48.29 10.47
C PHE A 150 -19.82 -47.04 10.36
N SER A 151 -19.19 -45.88 10.18
CA SER A 151 -19.90 -44.62 10.08
C SER A 151 -20.48 -44.36 8.69
N THR A 152 -20.01 -45.10 7.66
CA THR A 152 -20.50 -45.02 6.30
C THR A 152 -20.20 -43.65 5.68
N ILE A 153 -19.50 -42.80 6.41
CA ILE A 153 -19.07 -41.49 5.90
C ILE A 153 -17.65 -41.60 5.39
N LYS A 154 -17.40 -41.01 4.22
CA LYS A 154 -16.10 -41.08 3.58
C LYS A 154 -15.19 -39.95 4.07
N TYR A 155 -13.89 -40.23 4.08
CA TYR A 155 -12.89 -39.26 4.51
C TYR A 155 -12.39 -38.46 3.31
N LYS A 156 -11.93 -37.23 3.59
CA LYS A 156 -11.39 -36.35 2.57
C LYS A 156 -10.06 -35.78 3.07
N VAL A 157 -9.00 -36.02 2.31
CA VAL A 157 -7.66 -35.56 2.65
C VAL A 157 -7.13 -34.69 1.51
N SER A 158 -6.53 -33.56 1.87
CA SER A 158 -5.97 -32.64 0.89
C SER A 158 -4.63 -32.14 1.38
N ILE A 159 -3.62 -32.15 0.50
CA ILE A 159 -2.28 -31.68 0.81
C ILE A 159 -1.92 -30.58 -0.18
N SER A 160 -1.45 -29.45 0.33
CA SER A 160 -1.08 -28.30 -0.47
C SER A 160 0.42 -28.03 -0.34
N VAL A 161 1.05 -27.71 -1.47
CA VAL A 161 2.48 -27.43 -1.53
C VAL A 161 2.68 -26.12 -2.29
N SER A 162 3.67 -25.35 -1.85
CA SER A 162 4.01 -24.07 -2.47
C SER A 162 5.52 -23.98 -2.64
N ASN A 163 5.97 -22.90 -3.28
CA ASN A 163 7.38 -22.68 -3.54
C ASN A 163 7.59 -21.20 -3.82
N ALA A 164 8.84 -20.82 -4.01
CA ALA A 164 9.18 -19.45 -4.39
C ALA A 164 8.82 -19.12 -5.83
N LEU A 165 8.42 -20.12 -6.62
CA LEU A 165 8.07 -19.92 -8.02
C LEU A 165 6.67 -20.39 -8.37
N GLY A 166 6.02 -21.20 -7.54
CA GLY A 166 4.70 -21.67 -7.85
C GLY A 166 4.09 -22.42 -6.68
N HIS A 167 2.94 -23.03 -6.94
CA HIS A 167 2.21 -23.78 -5.92
C HIS A 167 1.32 -24.80 -6.60
N ASN A 168 0.87 -25.78 -5.83
CA ASN A 168 0.00 -26.82 -6.35
C ASN A 168 -0.68 -27.51 -5.18
N ALA A 169 -1.65 -28.36 -5.49
CA ALA A 169 -2.40 -29.08 -4.47
C ALA A 169 -3.10 -30.28 -5.09
N THR A 170 -3.49 -31.22 -4.24
CA THR A 170 -4.21 -32.41 -4.67
C THR A 170 -5.05 -32.92 -3.51
N ALA A 171 -6.07 -33.68 -3.84
CA ALA A 171 -6.98 -34.22 -2.85
C ALA A 171 -7.54 -35.56 -3.32
N ILE A 172 -7.78 -36.45 -2.36
CA ILE A 172 -8.36 -37.76 -2.62
C ILE A 172 -9.46 -38.04 -1.62
N THR A 173 -10.30 -39.01 -1.95
CA THR A 173 -11.40 -39.43 -1.08
C THR A 173 -11.45 -40.95 -1.05
N PHE A 174 -11.80 -41.50 0.11
CA PHE A 174 -11.82 -42.94 0.30
C PHE A 174 -12.66 -43.26 1.53
N ASP A 175 -12.81 -44.55 1.81
CA ASP A 175 -13.52 -45.04 2.97
C ASP A 175 -12.52 -45.62 3.97
N GLU A 176 -13.05 -46.12 5.09
CA GLU A 176 -12.23 -46.69 6.16
C GLU A 176 -11.95 -48.17 5.96
N PHE A 177 -12.25 -48.72 4.78
CA PHE A 177 -12.03 -50.13 4.50
C PHE A 177 -11.07 -50.40 3.35
N THR A 178 -10.98 -49.49 2.38
CA THR A 178 -10.13 -49.72 1.22
C THR A 178 -8.66 -49.42 1.47
N ILE A 179 -8.34 -48.68 2.53
CA ILE A 179 -6.97 -48.30 2.83
C ILE A 179 -6.33 -49.23 3.85
N VAL A 180 -6.99 -50.33 4.20
CA VAL A 180 -6.46 -51.25 5.21
C VAL A 180 -5.49 -52.21 4.54
N LYS A 181 -4.27 -52.26 5.05
CA LYS A 181 -3.26 -53.19 4.57
C LYS A 181 -2.26 -53.50 5.66
N PRO A 182 -2.28 -54.70 6.23
CA PRO A 182 -1.35 -55.03 7.33
C PRO A 182 0.07 -55.20 6.82
N ASP A 183 0.99 -55.33 7.77
CA ASP A 183 2.39 -55.54 7.45
C ASP A 183 2.68 -57.03 7.25
N PRO A 184 3.69 -57.36 6.45
CA PRO A 184 4.03 -58.77 6.25
C PRO A 184 4.52 -59.39 7.54
N PRO A 185 4.31 -60.70 7.71
CA PRO A 185 4.81 -61.36 8.93
C PRO A 185 6.33 -61.44 8.95
N GLU A 186 6.86 -61.61 10.15
CA GLU A 186 8.30 -61.65 10.37
C GLU A 186 8.71 -63.02 10.90
N ASN A 187 9.98 -63.36 10.65
CA ASN A 187 10.59 -64.60 11.13
C ASN A 187 9.82 -65.83 10.62
N VAL A 188 9.79 -65.97 9.30
CA VAL A 188 9.20 -67.13 8.65
C VAL A 188 10.31 -68.16 8.47
N VAL A 189 10.36 -69.14 9.36
CA VAL A 189 11.41 -70.13 9.39
C VAL A 189 10.86 -71.48 8.93
N ALA A 190 11.67 -72.22 8.19
CA ALA A 190 11.33 -73.54 7.71
C ALA A 190 12.29 -74.56 8.31
N ARG A 191 11.76 -75.72 8.68
CA ARG A 191 12.53 -76.76 9.33
C ARG A 191 12.28 -78.10 8.66
N PRO A 192 13.30 -78.97 8.59
CA PRO A 192 13.10 -80.30 8.02
C PRO A 192 12.31 -81.20 8.96
N VAL A 193 11.83 -82.31 8.40
CA VAL A 193 11.04 -83.28 9.15
C VAL A 193 11.64 -84.67 8.97
N PRO A 194 12.24 -85.25 10.02
CA PRO A 194 12.78 -86.60 9.88
C PRO A 194 11.72 -87.68 9.78
N SER A 195 10.48 -87.38 10.15
CA SER A 195 9.43 -88.40 10.14
C SER A 195 8.92 -88.70 8.73
N ASN A 196 8.93 -87.71 7.84
CA ASN A 196 8.41 -87.92 6.50
C ASN A 196 9.44 -87.51 5.45
N PRO A 197 9.52 -88.24 4.34
CA PRO A 197 10.49 -87.84 3.30
C PRO A 197 10.09 -86.57 2.57
N ARG A 198 8.81 -86.44 2.20
CA ARG A 198 8.31 -85.25 1.51
C ARG A 198 7.56 -84.39 2.53
N ARG A 199 8.31 -83.65 3.33
CA ARG A 199 7.71 -82.82 4.38
C ARG A 199 8.61 -81.63 4.64
N LEU A 200 8.00 -80.56 5.17
CA LEU A 200 8.74 -79.37 5.56
C LEU A 200 7.94 -78.64 6.63
N GLU A 201 8.56 -78.40 7.77
CA GLU A 201 7.91 -77.69 8.86
C GLU A 201 7.94 -76.19 8.59
N VAL A 202 6.76 -75.59 8.45
CA VAL A 202 6.63 -74.17 8.14
C VAL A 202 5.78 -73.52 9.22
N THR A 203 6.34 -72.50 9.88
CA THR A 203 5.63 -71.79 10.94
C THR A 203 6.03 -70.33 10.91
N TRP A 204 5.03 -69.45 10.95
CA TRP A 204 5.28 -68.01 10.94
C TRP A 204 4.59 -67.34 12.13
N GLN A 205 4.62 -66.02 12.17
CA GLN A 205 4.02 -65.24 13.25
C GLN A 205 3.11 -64.18 12.67
N THR A 206 2.60 -63.31 13.54
CA THR A 206 1.75 -62.18 13.22
C THR A 206 2.53 -60.88 13.26
N PRO A 207 2.14 -59.87 12.48
CA PRO A 207 2.86 -58.60 12.51
C PRO A 207 2.73 -57.92 13.86
N SER A 208 3.84 -57.32 14.32
CA SER A 208 3.86 -56.67 15.62
C SER A 208 3.07 -55.37 15.63
N THR A 209 2.73 -54.83 14.46
CA THR A 209 1.98 -53.57 14.44
C THR A 209 0.52 -53.78 14.81
N TRP A 210 -0.02 -54.97 14.55
CA TRP A 210 -1.43 -55.25 14.85
C TRP A 210 -1.63 -55.37 16.35
N PRO A 211 -2.36 -54.45 16.99
CA PRO A 211 -2.49 -54.51 18.46
C PRO A 211 -3.60 -55.44 18.92
N ASP A 212 -4.60 -55.68 18.08
CA ASP A 212 -5.79 -56.45 18.44
C ASP A 212 -6.06 -57.48 17.34
N PRO A 213 -5.33 -58.60 17.35
CA PRO A 213 -5.59 -59.65 16.34
C PRO A 213 -6.67 -60.64 16.75
N GLU A 214 -7.00 -60.75 18.03
CA GLU A 214 -8.00 -61.72 18.46
C GLU A 214 -9.39 -61.36 17.97
N SER A 215 -9.72 -60.07 18.01
CA SER A 215 -11.04 -59.62 17.55
C SER A 215 -11.12 -59.45 16.05
N PHE A 216 -9.97 -59.36 15.36
CA PHE A 216 -9.92 -59.21 13.91
C PHE A 216 -8.89 -60.19 13.36
N PRO A 217 -9.30 -61.42 13.05
CA PRO A 217 -8.33 -62.40 12.53
C PRO A 217 -7.81 -62.05 11.15
N LEU A 218 -6.88 -62.86 10.65
CA LEU A 218 -6.25 -62.61 9.36
C LEU A 218 -6.22 -63.90 8.54
N LYS A 219 -6.09 -63.74 7.23
CA LYS A 219 -5.97 -64.86 6.30
C LYS A 219 -4.61 -64.80 5.63
N PHE A 220 -3.89 -65.92 5.61
CA PHE A 220 -2.54 -65.99 5.09
C PHE A 220 -2.53 -66.69 3.73
N PHE A 221 -1.78 -66.13 2.79
CA PHE A 221 -1.59 -66.70 1.46
C PHE A 221 -0.18 -67.25 1.37
N LEU A 222 -0.07 -68.57 1.21
CA LEU A 222 1.23 -69.24 1.21
C LEU A 222 1.65 -69.56 -0.22
N ARG A 223 2.92 -69.30 -0.53
CA ARG A 223 3.50 -69.60 -1.84
C ARG A 223 4.79 -70.37 -1.63
N TYR A 224 4.83 -71.62 -2.09
CA TYR A 224 6.02 -72.45 -2.02
C TYR A 224 6.42 -72.87 -3.43
N ARG A 225 7.73 -72.85 -3.70
CA ARG A 225 8.22 -73.10 -5.04
C ARG A 225 9.68 -73.53 -4.97
N PRO A 226 10.13 -74.47 -5.80
CA PRO A 226 11.56 -74.79 -5.87
C PRO A 226 12.36 -73.65 -6.48
N LEU A 227 13.67 -73.83 -6.59
CA LEU A 227 14.56 -72.78 -7.05
C LEU A 227 14.86 -72.86 -8.55
N ILE A 228 14.44 -73.91 -9.23
CA ILE A 228 14.77 -74.09 -10.64
C ILE A 228 13.54 -74.21 -11.54
N LEU A 229 12.36 -74.54 -11.01
CA LEU A 229 11.17 -74.67 -11.86
C LEU A 229 10.53 -73.32 -12.17
N ASP A 230 10.66 -72.35 -11.26
CA ASP A 230 10.16 -70.98 -11.45
C ASP A 230 8.64 -70.95 -11.48
N GLN A 231 8.00 -72.09 -11.22
CA GLN A 231 6.54 -72.19 -11.22
C GLN A 231 6.04 -72.04 -9.80
N TRP A 232 5.58 -70.83 -9.46
CA TRP A 232 5.07 -70.58 -8.11
C TRP A 232 3.71 -71.26 -7.92
N GLN A 233 3.46 -71.68 -6.69
CA GLN A 233 2.20 -72.28 -6.30
C GLN A 233 1.46 -71.36 -5.34
N HIS A 234 0.13 -71.31 -5.47
CA HIS A 234 -0.71 -70.45 -4.65
C HIS A 234 -1.66 -71.32 -3.83
N VAL A 235 -1.54 -71.25 -2.52
CA VAL A 235 -2.37 -72.00 -1.59
C VAL A 235 -2.85 -71.05 -0.49
N GLU A 236 -4.16 -70.82 -0.42
CA GLU A 236 -4.74 -69.94 0.58
C GLU A 236 -5.13 -70.77 1.80
N LEU A 237 -4.82 -70.25 2.99
CA LEU A 237 -5.04 -70.97 4.24
C LEU A 237 -6.16 -70.34 5.04
N SER A 238 -6.62 -71.10 6.04
CA SER A 238 -7.64 -70.66 6.97
C SER A 238 -6.97 -70.04 8.20
N ASP A 239 -7.73 -69.89 9.28
CA ASP A 239 -7.18 -69.35 10.53
C ASP A 239 -6.09 -70.25 11.07
N GLY A 240 -4.94 -69.67 11.35
CA GLY A 240 -3.79 -70.40 11.86
C GLY A 240 -2.50 -69.86 11.30
N THR A 241 -1.40 -70.14 12.01
CA THR A 241 -0.06 -69.74 11.61
C THR A 241 0.81 -70.97 11.38
N ALA A 242 0.24 -72.01 10.76
CA ALA A 242 0.97 -73.24 10.50
C ALA A 242 0.44 -73.88 9.23
N HIS A 243 1.30 -74.63 8.56
CA HIS A 243 0.93 -75.31 7.33
C HIS A 243 1.75 -76.59 7.21
N THR A 244 1.33 -77.46 6.29
CA THR A 244 1.98 -78.75 6.06
C THR A 244 1.90 -79.07 4.58
N ILE A 245 3.06 -79.10 3.92
CA ILE A 245 3.18 -79.42 2.50
C ILE A 245 3.51 -80.90 2.36
N THR A 246 3.06 -81.52 1.26
CA THR A 246 3.23 -82.95 1.07
C THR A 246 3.79 -83.35 -0.28
N ASP A 247 4.09 -82.39 -1.17
CA ASP A 247 4.53 -82.71 -2.52
C ASP A 247 5.72 -81.83 -2.92
N ALA A 248 6.73 -81.79 -2.06
CA ALA A 248 7.91 -80.97 -2.31
C ALA A 248 9.03 -81.83 -2.91
N TYR A 249 10.23 -81.24 -2.99
CA TYR A 249 11.38 -81.91 -3.55
C TYR A 249 11.90 -82.99 -2.60
N ALA A 250 12.85 -83.79 -3.09
CA ALA A 250 13.53 -84.77 -2.25
C ALA A 250 14.72 -84.14 -1.52
N GLY A 251 15.61 -83.48 -2.25
CA GLY A 251 16.80 -82.91 -1.64
C GLY A 251 17.07 -81.45 -1.95
N LYS A 252 16.46 -80.91 -3.01
CA LYS A 252 16.77 -79.56 -3.44
C LYS A 252 16.19 -78.54 -2.46
N GLU A 253 16.62 -77.30 -2.66
CA GLU A 253 16.20 -76.16 -1.83
C GLU A 253 14.82 -75.63 -2.20
N TYR A 254 14.34 -74.66 -1.43
CA TYR A 254 13.03 -74.08 -1.65
C TYR A 254 12.91 -72.68 -1.10
N ILE A 255 11.96 -71.92 -1.62
CA ILE A 255 11.67 -70.61 -1.10
C ILE A 255 10.17 -70.56 -0.87
N ILE A 256 9.78 -70.17 0.33
CA ILE A 256 8.38 -70.06 0.69
C ILE A 256 8.15 -68.65 1.19
N GLN A 257 7.13 -67.98 0.69
CA GLN A 257 6.81 -66.63 1.13
C GLN A 257 5.34 -66.60 1.47
N VAL A 258 4.95 -65.78 2.45
CA VAL A 258 3.56 -65.70 2.88
C VAL A 258 3.18 -64.24 3.07
N ALA A 259 1.87 -63.99 3.02
CA ALA A 259 1.33 -62.65 3.20
C ALA A 259 0.21 -62.67 4.24
N ALA A 260 -0.50 -61.56 4.39
CA ALA A 260 -1.58 -61.47 5.37
C ALA A 260 -2.69 -60.57 4.84
N LYS A 261 -3.91 -60.82 5.31
CA LYS A 261 -5.07 -60.04 4.93
C LYS A 261 -6.21 -60.38 5.89
N ASP A 262 -7.02 -59.38 6.24
CA ASP A 262 -8.12 -59.59 7.15
C ASP A 262 -9.19 -60.49 6.51
N ASN A 263 -10.19 -60.83 7.32
CA ASN A 263 -11.20 -61.79 6.86
C ASN A 263 -12.10 -61.18 5.80
N GLU A 264 -12.65 -59.99 6.06
CA GLU A 264 -13.62 -59.38 5.17
C GLU A 264 -13.19 -58.05 4.57
N ILE A 265 -12.21 -57.37 5.17
CA ILE A 265 -11.78 -56.05 4.71
C ILE A 265 -10.30 -56.09 4.41
N GLY A 266 -9.80 -54.99 3.85
CA GLY A 266 -8.38 -54.83 3.60
C GLY A 266 -7.94 -55.41 2.27
N THR A 267 -6.62 -55.30 2.04
CA THR A 267 -5.97 -55.81 0.85
C THR A 267 -4.84 -56.75 1.26
N TRP A 268 -4.35 -57.51 0.29
CA TRP A 268 -3.26 -58.43 0.56
C TRP A 268 -1.96 -57.67 0.85
N SER A 269 -1.20 -58.17 1.81
CA SER A 269 0.05 -57.54 2.21
C SER A 269 1.20 -58.04 1.35
N ASP A 270 2.36 -57.40 1.54
CA ASP A 270 3.56 -57.82 0.83
C ASP A 270 4.06 -59.15 1.39
N TRP A 271 4.97 -59.78 0.64
CA TRP A 271 5.49 -61.08 1.04
C TRP A 271 6.57 -60.92 2.10
N SER A 272 6.88 -62.03 2.77
CA SER A 272 7.87 -62.03 3.85
C SER A 272 9.28 -61.97 3.27
N VAL A 273 10.28 -62.11 4.14
CA VAL A 273 11.66 -61.97 3.68
C VAL A 273 12.09 -63.19 2.86
N ALA A 274 12.12 -64.37 3.48
CA ALA A 274 12.63 -65.56 2.82
C ALA A 274 12.40 -66.83 3.65
N ALA A 275 12.78 -67.97 3.08
CA ALA A 275 12.72 -69.26 3.76
C ALA A 275 13.60 -70.24 3.00
N HIS A 276 14.34 -71.06 3.73
CA HIS A 276 15.26 -72.01 3.11
C HIS A 276 15.40 -73.23 4.01
N ALA A 277 14.95 -74.38 3.53
CA ALA A 277 15.10 -75.64 4.24
C ALA A 277 14.76 -76.79 3.30
N THR A 278 15.53 -77.88 3.40
CA THR A 278 15.30 -79.07 2.62
C THR A 278 14.86 -80.23 3.52
N PRO A 279 14.02 -81.12 3.02
CA PRO A 279 13.58 -82.26 3.84
C PRO A 279 14.73 -83.18 4.19
N TRP A 280 14.47 -84.05 5.17
CA TRP A 280 15.50 -84.94 5.69
C TRP A 280 15.89 -85.98 4.65
N THR A 281 17.16 -86.40 4.71
CA THR A 281 17.70 -87.42 3.82
C THR A 281 18.18 -88.59 4.67
N GLU A 282 17.72 -89.80 4.31
CA GLU A 282 18.07 -91.01 5.05
C GLU A 282 19.33 -91.62 4.45
N GLU A 283 20.38 -91.71 5.25
CA GLU A 283 21.64 -92.30 4.80
C GLU A 283 22.43 -92.83 5.99
N GLU B 1 -4.36 -21.35 -18.40
CA GLU B 1 -5.58 -20.68 -17.96
C GLU B 1 -6.82 -21.42 -18.46
N ILE B 2 -7.74 -21.73 -17.54
CA ILE B 2 -8.97 -22.44 -17.85
C ILE B 2 -10.12 -21.45 -17.80
N VAL B 3 -10.89 -21.38 -18.87
CA VAL B 3 -12.03 -20.46 -18.96
C VAL B 3 -13.29 -21.19 -18.51
N LEU B 4 -14.01 -20.59 -17.57
CA LEU B 4 -15.24 -21.16 -17.04
C LEU B 4 -16.43 -20.52 -17.76
N THR B 5 -17.31 -21.37 -18.31
CA THR B 5 -18.48 -20.91 -19.04
C THR B 5 -19.72 -21.40 -18.31
N GLN B 6 -20.57 -20.45 -17.91
CA GLN B 6 -21.81 -20.75 -17.22
C GLN B 6 -23.00 -20.57 -18.17
N SER B 7 -24.01 -21.43 -18.02
CA SER B 7 -25.20 -21.38 -18.86
C SER B 7 -26.42 -21.74 -18.01
N PRO B 8 -27.52 -20.98 -18.14
CA PRO B 8 -27.63 -19.83 -19.03
C PRO B 8 -27.15 -18.53 -18.37
N GLY B 9 -27.24 -17.42 -19.09
CA GLY B 9 -26.82 -16.15 -18.53
C GLY B 9 -27.82 -15.62 -17.50
N THR B 10 -29.11 -15.81 -17.76
CA THR B 10 -30.15 -15.37 -16.84
C THR B 10 -31.23 -16.45 -16.79
N LEU B 11 -31.57 -16.87 -15.57
CA LEU B 11 -32.58 -17.91 -15.35
C LEU B 11 -33.78 -17.29 -14.66
N SER B 12 -34.93 -17.33 -15.34
CA SER B 12 -36.17 -16.77 -14.81
C SER B 12 -37.07 -17.91 -14.35
N LEU B 13 -37.25 -18.04 -13.04
CA LEU B 13 -38.07 -19.09 -12.46
C LEU B 13 -38.86 -18.51 -11.30
N SER B 14 -40.04 -19.11 -11.06
CA SER B 14 -40.92 -18.73 -9.96
C SER B 14 -40.50 -19.42 -8.67
N PRO B 15 -40.77 -18.80 -7.51
CA PRO B 15 -40.41 -19.43 -6.24
C PRO B 15 -41.15 -20.74 -6.04
N GLY B 16 -40.41 -21.77 -5.65
CA GLY B 16 -40.97 -23.09 -5.43
C GLY B 16 -40.66 -24.11 -6.50
N GLU B 17 -39.74 -23.82 -7.41
CA GLU B 17 -39.38 -24.73 -8.49
C GLU B 17 -37.92 -25.14 -8.35
N ARG B 18 -37.52 -26.11 -9.17
CA ARG B 18 -36.15 -26.61 -9.18
C ARG B 18 -35.31 -25.79 -10.15
N ALA B 19 -34.19 -25.26 -9.66
CA ALA B 19 -33.28 -24.46 -10.46
C ALA B 19 -31.93 -25.18 -10.54
N THR B 20 -31.52 -25.50 -11.76
CA THR B 20 -30.25 -26.21 -12.00
C THR B 20 -29.33 -25.30 -12.80
N LEU B 21 -28.15 -25.03 -12.26
CA LEU B 21 -27.15 -24.22 -12.92
C LEU B 21 -26.05 -25.11 -13.49
N SER B 22 -25.27 -24.53 -14.40
CA SER B 22 -24.18 -25.25 -15.05
C SER B 22 -22.95 -24.36 -15.12
N CYS B 23 -21.77 -24.99 -15.08
CA CYS B 23 -20.52 -24.27 -15.20
C CYS B 23 -19.51 -25.20 -15.86
N ARG B 24 -19.32 -25.04 -17.17
CA ARG B 24 -18.43 -25.89 -17.94
C ARG B 24 -17.06 -25.22 -18.09
N ALA B 25 -16.01 -26.01 -17.92
CA ALA B 25 -14.65 -25.53 -17.99
C ALA B 25 -14.03 -25.83 -19.35
N SER B 26 -12.80 -25.36 -19.54
CA SER B 26 -12.09 -25.64 -20.77
C SER B 26 -11.36 -26.97 -20.70
N GLN B 27 -10.81 -27.31 -19.54
CA GLN B 27 -10.12 -28.57 -19.31
C GLN B 27 -10.72 -29.27 -18.10
N SER B 28 -10.24 -30.49 -17.85
CA SER B 28 -10.73 -31.27 -16.72
C SER B 28 -10.21 -30.69 -15.41
N VAL B 29 -11.11 -30.47 -14.46
CA VAL B 29 -10.72 -29.94 -13.16
C VAL B 29 -10.00 -31.01 -12.36
N SER B 30 -8.85 -30.67 -11.81
CA SER B 30 -8.05 -31.62 -11.07
C SER B 30 -8.55 -31.74 -9.63
N SER B 31 -8.73 -32.97 -9.17
CA SER B 31 -9.13 -33.28 -7.80
C SER B 31 -10.47 -32.68 -7.42
N SER B 32 -11.30 -32.33 -8.40
CA SER B 32 -12.63 -31.75 -8.17
C SER B 32 -12.55 -30.50 -7.29
N TYR B 33 -11.64 -29.60 -7.65
CA TYR B 33 -11.47 -28.34 -6.92
C TYR B 33 -12.38 -27.27 -7.54
N LEU B 34 -13.67 -27.42 -7.28
CA LEU B 34 -14.68 -26.48 -7.76
C LEU B 34 -15.54 -26.02 -6.60
N ALA B 35 -15.81 -24.71 -6.56
CA ALA B 35 -16.61 -24.11 -5.50
C ALA B 35 -17.71 -23.27 -6.11
N TRP B 36 -18.80 -23.09 -5.35
CA TRP B 36 -19.93 -22.27 -5.76
C TRP B 36 -20.10 -21.13 -4.77
N TYR B 37 -20.48 -19.97 -5.29
CA TYR B 37 -20.64 -18.77 -4.46
C TYR B 37 -22.04 -18.20 -4.66
N GLN B 38 -22.38 -17.25 -3.80
CA GLN B 38 -23.65 -16.53 -3.88
C GLN B 38 -23.41 -15.09 -3.45
N GLN B 39 -23.72 -14.14 -4.34
CA GLN B 39 -23.48 -12.73 -4.09
C GLN B 39 -24.76 -11.96 -4.33
N LYS B 40 -25.24 -11.25 -3.30
CA LYS B 40 -26.42 -10.40 -3.39
C LYS B 40 -26.02 -8.98 -3.77
N PRO B 41 -26.92 -8.24 -4.42
CA PRO B 41 -26.61 -6.85 -4.81
C PRO B 41 -26.28 -5.99 -3.60
N GLY B 42 -25.07 -5.48 -3.57
CA GLY B 42 -24.61 -4.63 -2.47
C GLY B 42 -24.01 -5.38 -1.30
N GLN B 43 -23.76 -6.68 -1.43
CA GLN B 43 -23.19 -7.48 -0.36
C GLN B 43 -21.95 -8.21 -0.88
N ALA B 44 -21.36 -9.05 -0.02
CA ALA B 44 -20.17 -9.83 -0.27
C ALA B 44 -20.54 -11.24 -0.74
N PRO B 45 -19.67 -11.90 -1.48
CA PRO B 45 -19.94 -13.28 -1.90
C PRO B 45 -20.03 -14.21 -0.69
N ARG B 46 -20.70 -15.34 -0.90
CA ARG B 46 -20.94 -16.32 0.15
C ARG B 46 -20.68 -17.71 -0.40
N LEU B 47 -19.72 -18.41 0.19
CA LEU B 47 -19.40 -19.76 -0.24
C LEU B 47 -20.54 -20.71 0.10
N LEU B 48 -20.99 -21.48 -0.89
CA LEU B 48 -22.10 -22.42 -0.71
C LEU B 48 -21.64 -23.87 -0.65
N ILE B 49 -20.91 -24.32 -1.66
CA ILE B 49 -20.47 -25.71 -1.75
C ILE B 49 -19.02 -25.73 -2.19
N TYR B 50 -18.17 -26.39 -1.40
CA TYR B 50 -16.77 -26.58 -1.73
C TYR B 50 -16.54 -28.02 -2.18
N GLY B 51 -15.63 -28.19 -3.13
CA GLY B 51 -15.39 -29.51 -3.69
C GLY B 51 -16.47 -30.01 -4.63
N ALA B 52 -17.44 -29.16 -4.97
CA ALA B 52 -18.54 -29.42 -5.89
C ALA B 52 -19.54 -30.45 -5.36
N SER B 53 -19.28 -31.05 -4.20
CA SER B 53 -20.21 -32.03 -3.63
C SER B 53 -20.36 -31.91 -2.12
N SER B 54 -19.72 -30.96 -1.46
CA SER B 54 -19.74 -30.84 -0.01
C SER B 54 -20.23 -29.45 0.37
N ARG B 55 -21.32 -29.38 1.12
CA ARG B 55 -21.87 -28.11 1.55
C ARG B 55 -21.03 -27.51 2.67
N ALA B 56 -21.09 -26.18 2.78
CA ALA B 56 -20.36 -25.47 3.82
C ALA B 56 -21.16 -25.45 5.11
N THR B 57 -20.57 -24.87 6.16
CA THR B 57 -21.21 -24.79 7.46
C THR B 57 -22.27 -23.70 7.45
N GLY B 58 -23.51 -24.07 7.70
CA GLY B 58 -24.63 -23.14 7.72
C GLY B 58 -25.46 -23.11 6.46
N ILE B 59 -25.00 -23.73 5.39
CA ILE B 59 -25.74 -23.73 4.13
C ILE B 59 -26.91 -24.71 4.24
N PRO B 60 -28.11 -24.33 3.80
CA PRO B 60 -29.27 -25.23 3.94
C PRO B 60 -29.11 -26.49 3.10
N ASP B 61 -29.97 -27.46 3.38
CA ASP B 61 -29.93 -28.76 2.72
C ASP B 61 -30.49 -28.72 1.30
N ARG B 62 -31.17 -27.64 0.91
CA ARG B 62 -31.73 -27.56 -0.43
C ARG B 62 -30.67 -27.42 -1.50
N PHE B 63 -29.48 -26.93 -1.15
CA PHE B 63 -28.40 -26.80 -2.12
C PHE B 63 -27.66 -28.13 -2.29
N SER B 64 -27.35 -28.47 -3.54
CA SER B 64 -26.65 -29.70 -3.84
C SER B 64 -25.89 -29.53 -5.15
N GLY B 65 -24.76 -30.21 -5.25
CA GLY B 65 -23.93 -30.14 -6.43
C GLY B 65 -23.42 -31.50 -6.85
N SER B 66 -22.95 -31.57 -8.09
CA SER B 66 -22.43 -32.80 -8.67
C SER B 66 -21.53 -32.43 -9.83
N GLY B 67 -21.21 -33.41 -10.67
CA GLY B 67 -20.34 -33.22 -11.81
C GLY B 67 -19.06 -34.01 -11.69
N SER B 68 -18.32 -34.06 -12.80
CA SER B 68 -17.06 -34.78 -12.84
C SER B 68 -16.23 -34.25 -14.00
N GLY B 69 -15.03 -33.75 -13.69
CA GLY B 69 -14.08 -33.36 -14.70
C GLY B 69 -14.30 -31.98 -15.30
N THR B 70 -15.31 -31.85 -16.16
CA THR B 70 -15.50 -30.60 -16.90
C THR B 70 -16.90 -30.05 -16.71
N ASP B 71 -17.91 -30.93 -16.64
CA ASP B 71 -19.30 -30.53 -16.55
C ASP B 71 -19.78 -30.71 -15.12
N PHE B 72 -20.02 -29.59 -14.43
CA PHE B 72 -20.55 -29.59 -13.08
C PHE B 72 -21.88 -28.84 -13.05
N THR B 73 -22.82 -29.35 -12.27
CA THR B 73 -24.15 -28.77 -12.18
C THR B 73 -24.48 -28.47 -10.73
N LEU B 74 -25.06 -27.29 -10.49
CA LEU B 74 -25.54 -26.89 -9.17
C LEU B 74 -27.06 -26.90 -9.19
N THR B 75 -27.66 -27.75 -8.35
CA THR B 75 -29.10 -27.95 -8.33
C THR B 75 -29.66 -27.55 -6.97
N ILE B 76 -30.73 -26.77 -6.97
CA ILE B 76 -31.42 -26.34 -5.76
C ILE B 76 -32.75 -27.09 -5.68
N SER B 77 -33.10 -27.55 -4.48
CA SER B 77 -34.34 -28.29 -4.31
C SER B 77 -35.56 -27.44 -4.67
N ARG B 78 -35.75 -26.34 -3.94
CA ARG B 78 -36.85 -25.42 -4.21
C ARG B 78 -36.39 -24.00 -3.93
N LEU B 79 -36.86 -23.07 -4.76
CA LEU B 79 -36.44 -21.68 -4.63
C LEU B 79 -37.20 -20.97 -3.52
N GLU B 80 -36.52 -20.04 -2.87
CA GLU B 80 -37.08 -19.23 -1.80
C GLU B 80 -36.87 -17.76 -2.14
N PRO B 81 -37.66 -16.86 -1.54
CA PRO B 81 -37.53 -15.43 -1.89
C PRO B 81 -36.14 -14.86 -1.66
N GLU B 82 -35.36 -15.42 -0.74
CA GLU B 82 -34.01 -14.95 -0.47
C GLU B 82 -32.95 -15.74 -1.24
N ASP B 83 -33.36 -16.60 -2.16
CA ASP B 83 -32.43 -17.42 -2.93
C ASP B 83 -32.13 -16.82 -4.31
N PHE B 84 -32.71 -15.66 -4.64
CA PHE B 84 -32.51 -15.03 -5.93
C PHE B 84 -31.28 -14.12 -5.84
N ALA B 85 -30.17 -14.56 -6.42
CA ALA B 85 -28.92 -13.81 -6.41
C ALA B 85 -28.08 -14.27 -7.59
N VAL B 86 -26.81 -13.86 -7.59
CA VAL B 86 -25.86 -14.22 -8.65
C VAL B 86 -24.91 -15.27 -8.10
N TYR B 87 -24.69 -16.32 -8.90
CA TYR B 87 -23.85 -17.45 -8.49
C TYR B 87 -22.64 -17.54 -9.42
N TYR B 88 -21.50 -17.92 -8.84
CA TYR B 88 -20.25 -18.06 -9.57
C TYR B 88 -19.64 -19.43 -9.28
N CYS B 89 -18.70 -19.83 -10.12
CA CYS B 89 -17.94 -21.05 -9.93
C CYS B 89 -16.45 -20.74 -9.96
N GLN B 90 -15.69 -21.49 -9.16
CA GLN B 90 -14.26 -21.30 -9.01
C GLN B 90 -13.51 -22.54 -9.48
N GLN B 91 -12.41 -22.33 -10.21
CA GLN B 91 -11.59 -23.41 -10.73
C GLN B 91 -10.19 -23.31 -10.15
N TYR B 92 -9.62 -24.46 -9.80
CA TYR B 92 -8.26 -24.52 -9.27
C TYR B 92 -7.73 -25.93 -9.49
N GLY B 93 -6.40 -26.03 -9.58
CA GLY B 93 -5.75 -27.32 -9.77
C GLY B 93 -4.85 -27.37 -10.99
N SER B 94 -5.28 -26.71 -12.08
CA SER B 94 -4.49 -26.64 -13.30
C SER B 94 -4.10 -25.21 -13.65
N SER B 95 -4.51 -24.23 -12.86
CA SER B 95 -4.25 -22.83 -13.13
C SER B 95 -4.54 -22.04 -11.85
N PRO B 96 -4.08 -20.79 -11.78
CA PRO B 96 -4.42 -19.95 -10.62
C PRO B 96 -5.94 -19.80 -10.47
N TRP B 97 -6.33 -19.27 -9.32
CA TRP B 97 -7.75 -19.16 -8.97
C TRP B 97 -8.47 -18.25 -9.97
N THR B 98 -9.43 -18.83 -10.70
CA THR B 98 -10.22 -18.10 -11.67
C THR B 98 -11.70 -18.29 -11.36
N PHE B 99 -12.50 -17.33 -11.78
CA PHE B 99 -13.94 -17.34 -11.55
C PHE B 99 -14.68 -17.39 -12.89
N GLY B 100 -15.97 -17.70 -12.82
CA GLY B 100 -16.81 -17.77 -14.01
C GLY B 100 -17.45 -16.43 -14.34
N GLN B 101 -18.29 -16.46 -15.37
CA GLN B 101 -18.97 -15.25 -15.80
C GLN B 101 -20.11 -14.86 -14.87
N GLY B 102 -20.79 -15.83 -14.27
CA GLY B 102 -21.87 -15.54 -13.36
C GLY B 102 -23.22 -15.85 -13.97
N THR B 103 -24.16 -16.25 -13.12
CA THR B 103 -25.52 -16.57 -13.52
C THR B 103 -26.50 -15.87 -12.59
N LYS B 104 -27.40 -15.08 -13.17
CA LYS B 104 -28.38 -14.31 -12.41
C LYS B 104 -29.73 -15.02 -12.43
N VAL B 105 -30.35 -15.14 -11.27
CA VAL B 105 -31.66 -15.77 -11.12
C VAL B 105 -32.65 -14.69 -10.70
N GLU B 106 -33.74 -14.57 -11.46
CA GLU B 106 -34.75 -13.57 -11.20
C GLU B 106 -36.12 -14.23 -11.06
N ILE B 107 -37.08 -13.45 -10.56
CA ILE B 107 -38.44 -13.93 -10.35
C ILE B 107 -39.20 -13.87 -11.65
N LYS B 108 -40.03 -14.88 -11.91
CA LYS B 108 -40.83 -14.97 -13.12
C LYS B 108 -42.26 -14.55 -12.83
N ARG B 109 -42.83 -13.78 -13.75
CA ARG B 109 -44.21 -13.30 -13.62
C ARG B 109 -44.79 -13.11 -15.03
N THR B 110 -45.94 -12.45 -15.09
CA THR B 110 -46.59 -12.19 -16.36
C THR B 110 -45.94 -11.02 -17.08
N VAL B 111 -46.15 -10.96 -18.40
CA VAL B 111 -45.62 -9.86 -19.20
C VAL B 111 -46.39 -8.58 -18.89
N ALA B 112 -45.70 -7.45 -18.95
CA ALA B 112 -46.28 -6.14 -18.67
C ALA B 112 -45.92 -5.16 -19.76
N ALA B 113 -46.89 -4.33 -20.15
CA ALA B 113 -46.65 -3.33 -21.17
C ALA B 113 -46.01 -2.09 -20.56
N PRO B 114 -44.96 -1.53 -21.15
CA PRO B 114 -44.32 -0.37 -20.57
C PRO B 114 -45.07 0.92 -20.85
N SER B 115 -44.96 1.86 -19.91
CA SER B 115 -45.51 3.20 -20.05
C SER B 115 -44.34 4.15 -20.34
N VAL B 116 -44.22 4.54 -21.60
CA VAL B 116 -43.07 5.31 -22.06
C VAL B 116 -43.37 6.80 -21.96
N PHE B 117 -42.42 7.56 -21.43
CA PHE B 117 -42.52 9.01 -21.33
C PHE B 117 -41.24 9.64 -21.85
N ILE B 118 -41.36 10.88 -22.31
CA ILE B 118 -40.23 11.63 -22.87
C ILE B 118 -40.15 12.98 -22.18
N PHE B 119 -38.92 13.46 -21.99
CA PHE B 119 -38.67 14.72 -21.31
C PHE B 119 -37.68 15.55 -22.12
N PRO B 120 -38.00 16.80 -22.44
CA PRO B 120 -37.06 17.65 -23.16
C PRO B 120 -36.04 18.26 -22.22
N PRO B 121 -34.93 18.78 -22.73
CA PRO B 121 -33.96 19.45 -21.86
C PRO B 121 -34.52 20.75 -21.31
N SER B 122 -34.07 21.10 -20.11
CA SER B 122 -34.54 22.31 -19.45
C SER B 122 -33.85 23.54 -20.05
N ASP B 123 -34.38 24.71 -19.68
CA ASP B 123 -33.84 25.96 -20.22
C ASP B 123 -32.47 26.28 -19.64
N GLU B 124 -32.22 25.89 -18.37
CA GLU B 124 -30.93 26.17 -17.76
C GLU B 124 -29.82 25.40 -18.46
N GLN B 125 -30.05 24.11 -18.74
CA GLN B 125 -29.04 23.33 -19.44
C GLN B 125 -28.83 23.84 -20.86
N LEU B 126 -29.91 24.29 -21.51
CA LEU B 126 -29.80 24.85 -22.86
C LEU B 126 -28.94 26.11 -22.85
N LYS B 127 -29.21 27.03 -21.92
CA LYS B 127 -28.42 28.24 -21.81
C LYS B 127 -27.00 27.96 -21.33
N SER B 128 -26.77 26.80 -20.71
CA SER B 128 -25.43 26.42 -20.33
C SER B 128 -24.62 25.95 -21.54
N GLY B 129 -25.26 25.23 -22.46
CA GLY B 129 -24.58 24.80 -23.67
C GLY B 129 -24.70 23.32 -23.99
N THR B 130 -25.62 22.63 -23.32
CA THR B 130 -25.83 21.21 -23.55
C THR B 130 -27.33 20.93 -23.54
N ALA B 131 -27.72 19.86 -24.24
CA ALA B 131 -29.12 19.46 -24.33
C ALA B 131 -29.23 17.96 -24.17
N SER B 132 -29.92 17.52 -23.12
CA SER B 132 -30.10 16.10 -22.83
C SER B 132 -31.59 15.76 -22.89
N VAL B 133 -31.96 14.81 -23.73
CA VAL B 133 -33.33 14.33 -23.87
C VAL B 133 -33.40 12.94 -23.27
N VAL B 134 -34.29 12.76 -22.30
CA VAL B 134 -34.43 11.51 -21.57
C VAL B 134 -35.75 10.86 -21.94
N CYS B 135 -35.71 9.57 -22.24
CA CYS B 135 -36.90 8.77 -22.53
C CYS B 135 -37.05 7.74 -21.44
N LEU B 136 -38.22 7.73 -20.79
CA LEU B 136 -38.43 6.95 -19.58
C LEU B 136 -39.27 5.71 -19.87
N LEU B 137 -38.85 4.58 -19.30
CA LEU B 137 -39.62 3.34 -19.32
C LEU B 137 -39.93 2.96 -17.87
N ASN B 138 -41.18 2.61 -17.61
CA ASN B 138 -41.64 2.37 -16.25
C ASN B 138 -42.51 1.12 -16.19
N ASN B 139 -42.17 0.22 -15.26
CA ASN B 139 -42.98 -0.96 -14.94
C ASN B 139 -43.19 -1.85 -16.18
N PHE B 140 -42.08 -2.39 -16.66
CA PHE B 140 -42.11 -3.34 -17.78
C PHE B 140 -41.41 -4.63 -17.36
N TYR B 141 -41.73 -5.70 -18.11
CA TYR B 141 -41.18 -7.02 -17.84
C TYR B 141 -41.38 -7.87 -19.09
N PRO B 142 -40.39 -8.67 -19.52
CA PRO B 142 -39.09 -8.88 -18.85
C PRO B 142 -38.05 -7.80 -19.15
N ARG B 143 -36.78 -8.14 -18.89
CA ARG B 143 -35.70 -7.18 -19.08
C ARG B 143 -35.40 -6.94 -20.55
N GLU B 144 -35.65 -7.93 -21.40
CA GLU B 144 -35.32 -7.81 -22.83
C GLU B 144 -36.14 -6.72 -23.50
N ALA B 145 -35.49 -5.61 -23.80
CA ALA B 145 -36.14 -4.46 -24.45
C ALA B 145 -35.07 -3.50 -24.92
N LYS B 146 -35.33 -2.85 -26.05
CA LYS B 146 -34.41 -1.86 -26.61
C LYS B 146 -35.21 -0.63 -27.04
N VAL B 147 -34.54 0.52 -27.02
CA VAL B 147 -35.15 1.80 -27.35
C VAL B 147 -34.43 2.38 -28.55
N GLN B 148 -35.20 2.86 -29.52
CA GLN B 148 -34.67 3.47 -30.74
C GLN B 148 -34.86 4.98 -30.67
N TRP B 149 -33.81 5.72 -30.99
CA TRP B 149 -33.85 7.17 -31.02
C TRP B 149 -33.91 7.67 -32.46
N LYS B 150 -34.78 8.65 -32.70
CA LYS B 150 -34.96 9.23 -34.03
C LYS B 150 -35.00 10.74 -33.91
N VAL B 151 -34.08 11.41 -34.59
CA VAL B 151 -34.00 12.86 -34.60
C VAL B 151 -34.32 13.31 -36.02
N ASP B 152 -35.57 13.72 -36.24
CA ASP B 152 -36.07 14.15 -37.55
C ASP B 152 -35.88 13.04 -38.58
N ASN B 153 -36.44 11.87 -38.24
CA ASN B 153 -36.40 10.69 -39.10
C ASN B 153 -34.98 10.25 -39.42
N ALA B 154 -34.05 10.46 -38.48
CA ALA B 154 -32.67 10.05 -38.63
C ALA B 154 -32.27 9.21 -37.43
N LEU B 155 -31.87 7.97 -37.68
CA LEU B 155 -31.49 7.06 -36.60
C LEU B 155 -30.14 7.48 -36.04
N GLN B 156 -30.06 7.58 -34.71
CA GLN B 156 -28.84 7.98 -34.02
C GLN B 156 -28.20 6.76 -33.38
N SER B 157 -26.87 6.71 -33.40
CA SER B 157 -26.12 5.60 -32.82
C SER B 157 -24.82 6.14 -32.22
N GLY B 158 -24.47 5.60 -31.05
CA GLY B 158 -23.24 5.98 -30.38
C GLY B 158 -23.32 7.20 -29.51
N ASN B 159 -24.47 7.88 -29.46
CA ASN B 159 -24.63 9.09 -28.67
C ASN B 159 -25.76 8.95 -27.65
N SER B 160 -25.94 7.75 -27.11
CA SER B 160 -27.00 7.50 -26.14
C SER B 160 -26.53 6.47 -25.12
N GLN B 161 -26.98 6.65 -23.88
CA GLN B 161 -26.65 5.75 -22.78
C GLN B 161 -27.93 5.31 -22.09
N GLU B 162 -27.95 4.06 -21.63
CA GLU B 162 -29.11 3.47 -21.00
C GLU B 162 -28.75 2.95 -19.61
N SER B 163 -29.70 3.08 -18.69
CA SER B 163 -29.51 2.62 -17.31
C SER B 163 -30.79 1.93 -16.85
N VAL B 164 -30.64 0.77 -16.22
CA VAL B 164 -31.78 -0.01 -15.75
C VAL B 164 -31.60 -0.26 -14.25
N THR B 165 -32.73 -0.42 -13.56
CA THR B 165 -32.74 -0.69 -12.13
C THR B 165 -32.96 -2.18 -11.88
N GLU B 166 -32.98 -2.54 -10.60
CA GLU B 166 -33.20 -3.92 -10.21
C GLU B 166 -34.70 -4.25 -10.23
N GLN B 167 -35.04 -5.50 -9.91
CA GLN B 167 -36.43 -5.91 -9.83
C GLN B 167 -37.10 -5.31 -8.60
N ASP B 168 -38.36 -4.92 -8.76
CA ASP B 168 -39.10 -4.37 -7.64
C ASP B 168 -39.46 -5.47 -6.65
N SER B 169 -39.71 -5.06 -5.40
CA SER B 169 -39.94 -6.03 -4.33
C SER B 169 -41.38 -6.52 -4.29
N LYS B 170 -42.34 -5.72 -4.76
CA LYS B 170 -43.75 -6.07 -4.69
C LYS B 170 -44.27 -6.64 -6.01
N ASP B 171 -44.13 -5.88 -7.10
CA ASP B 171 -44.65 -6.30 -8.40
C ASP B 171 -43.59 -6.91 -9.29
N SER B 172 -42.31 -6.78 -8.95
CA SER B 172 -41.21 -7.38 -9.71
C SER B 172 -41.21 -6.91 -11.17
N THR B 173 -41.04 -5.61 -11.33
CA THR B 173 -41.00 -4.97 -12.64
C THR B 173 -39.64 -4.32 -12.87
N TYR B 174 -39.47 -3.72 -14.04
CA TYR B 174 -38.23 -3.07 -14.43
C TYR B 174 -38.51 -1.63 -14.83
N SER B 175 -37.44 -0.84 -14.90
CA SER B 175 -37.54 0.55 -15.33
C SER B 175 -36.21 0.96 -15.95
N LEU B 176 -36.26 1.45 -17.18
CA LEU B 176 -35.08 1.82 -17.96
C LEU B 176 -35.09 3.32 -18.23
N SER B 177 -33.89 3.91 -18.30
CA SER B 177 -33.72 5.33 -18.53
C SER B 177 -32.70 5.52 -19.65
N SER B 178 -33.16 5.91 -20.82
CA SER B 178 -32.30 6.21 -21.97
C SER B 178 -32.22 7.72 -22.14
N THR B 179 -31.00 8.23 -22.35
CA THR B 179 -30.78 9.65 -22.49
C THR B 179 -30.00 9.92 -23.78
N LEU B 180 -30.39 10.99 -24.47
CA LEU B 180 -29.71 11.45 -25.68
C LEU B 180 -28.97 12.73 -25.35
N THR B 181 -27.64 12.67 -25.36
CA THR B 181 -26.79 13.80 -24.98
C THR B 181 -26.31 14.52 -26.23
N LEU B 182 -26.72 15.78 -26.39
CA LEU B 182 -26.29 16.62 -27.49
C LEU B 182 -25.93 17.99 -26.97
N SER B 183 -25.11 18.71 -27.74
CA SER B 183 -24.68 20.04 -27.36
C SER B 183 -25.73 21.07 -27.78
N LYS B 184 -25.45 22.34 -27.45
CA LYS B 184 -26.39 23.40 -27.79
C LYS B 184 -26.42 23.69 -29.28
N ALA B 185 -25.27 23.56 -29.95
CA ALA B 185 -25.23 23.82 -31.39
C ALA B 185 -25.93 22.74 -32.19
N ASP B 186 -26.06 21.53 -31.66
CA ASP B 186 -26.72 20.44 -32.37
C ASP B 186 -28.20 20.34 -32.06
N TYR B 187 -28.66 20.89 -30.94
CA TYR B 187 -30.06 20.76 -30.56
C TYR B 187 -30.95 21.71 -31.36
N GLU B 188 -30.54 22.98 -31.47
CA GLU B 188 -31.37 23.97 -32.14
C GLU B 188 -31.39 23.81 -33.66
N LYS B 189 -30.56 22.93 -34.22
CA LYS B 189 -30.56 22.74 -35.67
C LYS B 189 -31.73 21.88 -36.13
N HIS B 190 -32.08 20.88 -35.35
CA HIS B 190 -33.19 19.99 -35.69
C HIS B 190 -34.51 20.55 -35.16
N LYS B 191 -35.60 19.88 -35.54
CA LYS B 191 -36.94 20.33 -35.19
C LYS B 191 -37.67 19.37 -34.25
N VAL B 192 -37.76 18.09 -34.61
CA VAL B 192 -38.51 17.13 -33.82
C VAL B 192 -37.56 16.10 -33.24
N TYR B 193 -38.00 15.48 -32.13
CA TYR B 193 -37.23 14.44 -31.45
C TYR B 193 -38.20 13.36 -31.02
N ALA B 194 -37.95 12.13 -31.46
CA ALA B 194 -38.85 11.01 -31.19
C ALA B 194 -38.11 9.91 -30.44
N CYS B 195 -38.88 9.11 -29.71
CA CYS B 195 -38.36 7.97 -28.96
C CYS B 195 -39.26 6.77 -29.23
N GLU B 196 -38.76 5.82 -30.01
CA GLU B 196 -39.51 4.62 -30.36
C GLU B 196 -39.01 3.46 -29.50
N VAL B 197 -39.94 2.81 -28.80
CA VAL B 197 -39.64 1.71 -27.90
C VAL B 197 -40.46 0.50 -28.32
N THR B 198 -39.79 -0.64 -28.47
CA THR B 198 -40.45 -1.91 -28.78
C THR B 198 -40.30 -2.85 -27.59
N HIS B 199 -41.25 -3.78 -27.47
CA HIS B 199 -41.25 -4.71 -26.35
C HIS B 199 -42.07 -5.93 -26.73
N GLN B 200 -41.86 -7.01 -25.97
CA GLN B 200 -42.60 -8.25 -26.21
C GLN B 200 -44.07 -8.07 -25.88
N GLY B 201 -44.39 -7.32 -24.82
CA GLY B 201 -45.76 -7.09 -24.42
C GLY B 201 -46.51 -6.08 -25.27
N LEU B 202 -45.89 -5.53 -26.30
CA LEU B 202 -46.51 -4.56 -27.19
C LEU B 202 -46.63 -5.16 -28.59
N SER B 203 -47.81 -4.98 -29.21
CA SER B 203 -48.01 -5.48 -30.56
C SER B 203 -47.11 -4.74 -31.55
N SER B 204 -47.26 -3.42 -31.63
CA SER B 204 -46.43 -2.57 -32.48
C SER B 204 -45.64 -1.59 -31.62
N PRO B 205 -44.45 -1.19 -32.05
CA PRO B 205 -43.64 -0.27 -31.24
C PRO B 205 -44.34 1.07 -31.03
N VAL B 206 -44.19 1.61 -29.82
CA VAL B 206 -44.79 2.89 -29.45
C VAL B 206 -43.79 3.99 -29.74
N THR B 207 -44.30 5.14 -30.18
CA THR B 207 -43.47 6.29 -30.53
C THR B 207 -43.96 7.52 -29.77
N LYS B 208 -43.09 8.10 -28.95
CA LYS B 208 -43.36 9.35 -28.25
C LYS B 208 -42.42 10.42 -28.77
N SER B 209 -42.98 11.56 -29.18
CA SER B 209 -42.20 12.61 -29.81
C SER B 209 -42.71 13.97 -29.37
N PHE B 210 -41.83 14.96 -29.50
CA PHE B 210 -42.16 16.35 -29.22
C PHE B 210 -41.45 17.25 -30.22
N ASN B 211 -41.98 18.44 -30.41
CA ASN B 211 -41.45 19.41 -31.36
C ASN B 211 -40.74 20.53 -30.62
N ARG B 212 -39.52 20.85 -31.05
CA ARG B 212 -38.76 21.92 -30.43
C ARG B 212 -39.30 23.28 -30.84
N GLY B 213 -39.35 24.20 -29.87
CA GLY B 213 -39.78 25.56 -30.11
C GLY B 213 -41.22 25.86 -29.75
N GLU B 214 -42.01 24.84 -29.37
CA GLU B 214 -43.40 25.03 -28.99
C GLU B 214 -43.67 24.67 -27.54
N CYS B 215 -42.64 24.38 -26.74
CA CYS B 215 -42.83 24.07 -25.34
C CYS B 215 -41.51 24.22 -24.59
N GLN C 1 -16.98 -14.36 17.48
CA GLN C 1 -17.30 -14.76 16.12
C GLN C 1 -16.22 -14.30 15.14
N VAL C 2 -16.25 -14.86 13.94
CA VAL C 2 -15.24 -14.62 12.91
C VAL C 2 -15.70 -13.50 12.00
N GLN C 3 -14.78 -12.57 11.69
CA GLN C 3 -15.11 -11.43 10.86
C GLN C 3 -13.82 -10.87 10.26
N LEU C 4 -13.97 -10.20 9.11
CA LEU C 4 -12.87 -9.54 8.43
C LEU C 4 -13.29 -8.10 8.11
N VAL C 5 -12.41 -7.15 8.40
CA VAL C 5 -12.67 -5.74 8.20
C VAL C 5 -11.57 -5.17 7.32
N GLU C 6 -11.96 -4.46 6.26
CA GLU C 6 -11.02 -3.82 5.35
C GLU C 6 -11.06 -2.31 5.57
N SER C 7 -9.95 -1.65 5.24
CA SER C 7 -9.84 -0.20 5.38
C SER C 7 -8.64 0.29 4.58
N GLY C 8 -8.61 1.59 4.33
CA GLY C 8 -7.51 2.22 3.64
C GLY C 8 -7.71 2.47 2.17
N GLY C 9 -8.95 2.51 1.68
CA GLY C 9 -9.23 2.73 0.28
C GLY C 9 -10.01 4.02 0.06
N GLY C 10 -9.76 4.65 -1.07
CA GLY C 10 -10.45 5.89 -1.39
C GLY C 10 -10.15 6.33 -2.80
N VAL C 11 -10.65 7.52 -3.14
CA VAL C 11 -10.42 8.08 -4.46
C VAL C 11 -8.98 8.55 -4.57
N VAL C 12 -8.34 8.24 -5.69
CA VAL C 12 -6.93 8.59 -5.92
C VAL C 12 -6.73 8.85 -7.40
N GLN C 13 -5.60 9.49 -7.74
CA GLN C 13 -5.24 9.82 -9.11
C GLN C 13 -4.35 8.74 -9.71
N PRO C 14 -4.37 8.57 -11.02
CA PRO C 14 -3.50 7.57 -11.65
C PRO C 14 -2.03 7.90 -11.44
N GLY C 15 -1.25 6.87 -11.13
CA GLY C 15 0.17 7.02 -10.86
C GLY C 15 0.52 7.19 -9.40
N ARG C 16 -0.46 7.35 -8.52
CA ARG C 16 -0.21 7.51 -7.10
C ARG C 16 -0.08 6.13 -6.45
N SER C 17 -0.09 6.09 -5.11
CA SER C 17 0.05 4.85 -4.37
C SER C 17 -0.97 4.80 -3.25
N LEU C 18 -1.36 3.58 -2.89
CA LEU C 18 -2.31 3.35 -1.80
C LEU C 18 -1.83 2.16 -0.98
N ARG C 19 -2.48 1.95 0.17
CA ARG C 19 -2.11 0.87 1.06
C ARG C 19 -3.36 0.40 1.80
N LEU C 20 -3.76 -0.85 1.56
CA LEU C 20 -4.95 -1.41 2.20
C LEU C 20 -4.57 -2.18 3.45
N SER C 21 -5.58 -2.50 4.25
CA SER C 21 -5.38 -3.22 5.50
C SER C 21 -6.58 -4.11 5.77
N CYS C 22 -6.33 -5.36 6.13
CA CYS C 22 -7.37 -6.34 6.44
C CYS C 22 -7.09 -6.92 7.82
N VAL C 23 -7.91 -6.54 8.80
CA VAL C 23 -7.74 -6.99 10.17
C VAL C 23 -8.62 -8.21 10.41
N ALA C 24 -8.03 -9.27 10.95
CA ALA C 24 -8.73 -10.51 11.22
C ALA C 24 -9.15 -10.59 12.69
N SER C 25 -10.14 -11.44 12.95
CA SER C 25 -10.65 -11.61 14.30
C SER C 25 -11.49 -12.89 14.35
N GLY C 26 -11.49 -13.53 15.52
CA GLY C 26 -12.28 -14.72 15.74
C GLY C 26 -11.60 -16.03 15.41
N PHE C 27 -10.50 -16.00 14.67
CA PHE C 27 -9.80 -17.23 14.30
C PHE C 27 -8.30 -17.00 14.42
N THR C 28 -7.53 -18.07 14.20
CA THR C 28 -6.08 -18.02 14.27
C THR C 28 -5.56 -17.48 12.95
N PHE C 29 -5.12 -16.21 12.96
CA PHE C 29 -4.62 -15.58 11.74
C PHE C 29 -3.23 -16.10 11.37
N SER C 30 -2.46 -16.56 12.36
CA SER C 30 -1.10 -17.01 12.11
C SER C 30 -1.03 -18.39 11.45
N THR C 31 -2.12 -19.14 11.45
CA THR C 31 -2.16 -20.48 10.88
C THR C 31 -3.18 -20.57 9.75
N SER C 32 -3.24 -19.55 8.91
CA SER C 32 -4.18 -19.53 7.79
C SER C 32 -3.56 -18.79 6.62
N VAL C 33 -4.06 -19.11 5.43
CA VAL C 33 -3.59 -18.50 4.18
C VAL C 33 -4.54 -17.37 3.82
N MET C 34 -3.98 -16.25 3.39
CA MET C 34 -4.75 -15.06 3.04
C MET C 34 -4.68 -14.79 1.55
N HIS C 35 -5.75 -14.20 1.02
CA HIS C 35 -5.86 -13.89 -0.39
C HIS C 35 -6.43 -12.49 -0.57
N TRP C 36 -6.44 -12.04 -1.83
CA TRP C 36 -7.02 -10.75 -2.20
C TRP C 36 -7.81 -10.94 -3.49
N VAL C 37 -9.12 -10.68 -3.42
CA VAL C 37 -10.00 -10.83 -4.57
C VAL C 37 -10.71 -9.49 -4.80
N ARG C 38 -10.66 -9.00 -6.03
CA ARG C 38 -11.30 -7.74 -6.41
C ARG C 38 -12.45 -8.01 -7.37
N GLN C 39 -13.29 -7.00 -7.53
CA GLN C 39 -14.45 -7.10 -8.42
C GLN C 39 -14.74 -5.73 -9.00
N ALA C 40 -14.58 -5.60 -10.32
CA ALA C 40 -14.87 -4.34 -10.99
C ALA C 40 -16.37 -4.06 -10.96
N PRO C 41 -16.76 -2.79 -10.96
CA PRO C 41 -18.20 -2.46 -10.98
C PRO C 41 -18.88 -3.00 -12.22
N GLY C 42 -19.81 -3.92 -12.01
CA GLY C 42 -20.52 -4.54 -13.12
C GLY C 42 -19.78 -5.69 -13.77
N LYS C 43 -18.84 -6.32 -13.07
CA LYS C 43 -18.07 -7.43 -13.61
C LYS C 43 -17.97 -8.52 -12.55
N GLY C 44 -17.22 -9.58 -12.86
CA GLY C 44 -17.06 -10.70 -11.97
C GLY C 44 -15.86 -10.55 -11.06
N LEU C 45 -15.66 -11.58 -10.24
CA LEU C 45 -14.54 -11.60 -9.29
C LEU C 45 -13.23 -11.89 -10.01
N GLU C 46 -12.13 -11.59 -9.34
CA GLU C 46 -10.80 -11.80 -9.89
C GLU C 46 -9.78 -11.87 -8.76
N TRP C 47 -8.99 -12.94 -8.75
CA TRP C 47 -7.94 -13.08 -7.75
C TRP C 47 -6.78 -12.13 -8.05
N VAL C 48 -6.19 -11.58 -6.99
CA VAL C 48 -5.15 -10.57 -7.13
C VAL C 48 -3.82 -11.09 -6.61
N ALA C 49 -3.76 -11.41 -5.32
CA ALA C 49 -2.51 -11.79 -4.67
C ALA C 49 -2.78 -12.94 -3.72
N ASN C 50 -1.70 -13.43 -3.10
CA ASN C 50 -1.77 -14.55 -2.17
C ASN C 50 -0.50 -14.58 -1.33
N ILE C 51 -0.65 -14.94 -0.06
CA ILE C 51 0.49 -15.05 0.85
C ILE C 51 0.19 -16.16 1.84
N TRP C 52 1.24 -16.87 2.26
CA TRP C 52 1.09 -17.99 3.17
C TRP C 52 1.14 -17.51 4.62
N TYR C 53 1.13 -18.48 5.55
CA TYR C 53 1.07 -18.13 6.97
C TYR C 53 2.40 -17.56 7.46
N ASP C 54 3.51 -18.09 6.97
CA ASP C 54 4.82 -17.58 7.41
C ASP C 54 5.12 -16.24 6.78
N GLY C 55 4.75 -16.05 5.51
CA GLY C 55 4.92 -14.77 4.84
C GLY C 55 6.07 -14.68 3.87
N ILE C 56 6.79 -15.77 3.62
CA ILE C 56 7.91 -15.71 2.68
C ILE C 56 7.43 -15.95 1.25
N ASN C 57 6.50 -16.89 1.08
CA ASN C 57 5.97 -17.20 -0.25
C ASN C 57 4.88 -16.20 -0.62
N LYS C 58 5.06 -15.51 -1.73
CA LYS C 58 4.09 -14.53 -2.21
C LYS C 58 3.81 -14.78 -3.69
N PHE C 59 2.55 -14.58 -4.09
CA PHE C 59 2.13 -14.79 -5.46
C PHE C 59 1.25 -13.64 -5.92
N TYR C 60 1.36 -13.30 -7.20
CA TYR C 60 0.58 -12.23 -7.79
C TYR C 60 0.12 -12.67 -9.18
N VAL C 61 -0.85 -11.93 -9.72
CA VAL C 61 -1.32 -12.17 -11.07
C VAL C 61 -0.45 -11.39 -12.04
N ASP C 62 -0.45 -11.82 -13.31
CA ASP C 62 0.41 -11.20 -14.31
C ASP C 62 0.04 -9.75 -14.59
N SER C 63 -1.18 -9.33 -14.24
CA SER C 63 -1.60 -7.96 -14.50
C SER C 63 -1.09 -6.98 -13.46
N VAL C 64 -0.65 -7.46 -12.29
CA VAL C 64 -0.19 -6.59 -11.21
C VAL C 64 1.23 -6.91 -10.79
N LYS C 65 1.94 -7.74 -11.55
CA LYS C 65 3.32 -8.08 -11.21
C LYS C 65 4.21 -6.87 -11.37
N GLY C 66 5.02 -6.58 -10.33
CA GLY C 66 5.92 -5.45 -10.34
C GLY C 66 5.34 -4.17 -9.78
N ARG C 67 4.03 -4.09 -9.58
CA ARG C 67 3.39 -2.89 -9.07
C ARG C 67 2.78 -3.07 -7.68
N PHE C 68 2.30 -4.26 -7.36
CA PHE C 68 1.68 -4.53 -6.06
C PHE C 68 2.64 -5.28 -5.16
N THR C 69 2.40 -5.17 -3.86
CA THR C 69 3.22 -5.85 -2.86
C THR C 69 2.33 -6.23 -1.68
N ILE C 70 2.26 -7.52 -1.36
CA ILE C 70 1.43 -8.01 -0.27
C ILE C 70 2.30 -8.28 0.94
N SER C 71 1.76 -8.00 2.12
CA SER C 71 2.45 -8.23 3.38
C SER C 71 1.43 -8.55 4.45
N ARG C 72 1.93 -9.00 5.61
CA ARG C 72 1.06 -9.37 6.72
C ARG C 72 1.85 -9.26 8.01
N ASP C 73 1.13 -9.31 9.13
CA ASP C 73 1.72 -9.21 10.46
C ASP C 73 0.97 -10.19 11.36
N ASN C 74 1.67 -11.25 11.79
CA ASN C 74 1.05 -12.26 12.63
C ASN C 74 0.83 -11.79 14.06
N SER C 75 1.57 -10.76 14.50
CA SER C 75 1.42 -10.29 15.88
C SER C 75 0.17 -9.42 16.04
N LYS C 76 -0.16 -8.62 15.03
CA LYS C 76 -1.33 -7.75 15.08
C LYS C 76 -2.52 -8.31 14.32
N ASN C 77 -2.37 -9.46 13.65
CA ASN C 77 -3.44 -10.10 12.91
C ASN C 77 -4.03 -9.17 11.85
N THR C 78 -3.14 -8.56 11.08
CA THR C 78 -3.53 -7.66 9.99
C THR C 78 -2.95 -8.15 8.67
N LEU C 79 -3.53 -7.68 7.58
CA LEU C 79 -3.13 -8.06 6.22
C LEU C 79 -3.03 -6.80 5.38
N TYR C 80 -1.83 -6.50 4.90
CA TYR C 80 -1.57 -5.30 4.12
C TYR C 80 -1.47 -5.63 2.64
N LEU C 81 -1.59 -4.59 1.82
CA LEU C 81 -1.47 -4.73 0.36
C LEU C 81 -1.01 -3.38 -0.18
N GLN C 82 0.28 -3.30 -0.51
CA GLN C 82 0.86 -2.05 -1.02
C GLN C 82 0.60 -1.95 -2.52
N MET C 83 -0.23 -0.98 -2.91
CA MET C 83 -0.56 -0.75 -4.31
C MET C 83 0.17 0.50 -4.79
N ASN C 84 1.00 0.34 -5.81
CA ASN C 84 1.79 1.43 -6.38
C ASN C 84 1.52 1.52 -7.88
N SER C 85 1.59 2.74 -8.40
CA SER C 85 1.40 3.03 -9.83
C SER C 85 0.05 2.51 -10.30
N LEU C 86 -1.01 3.03 -9.67
CA LEU C 86 -2.36 2.61 -10.02
C LEU C 86 -2.76 3.14 -11.39
N ARG C 87 -3.47 2.32 -12.15
CA ARG C 87 -3.91 2.65 -13.50
C ARG C 87 -5.43 2.67 -13.55
N ALA C 88 -5.98 2.86 -14.76
CA ALA C 88 -7.42 3.03 -14.90
C ALA C 88 -8.18 1.72 -14.70
N GLU C 89 -7.58 0.59 -15.05
CA GLU C 89 -8.22 -0.71 -14.92
C GLU C 89 -8.02 -1.33 -13.54
N ASP C 90 -7.71 -0.52 -12.53
CA ASP C 90 -7.56 -1.01 -11.16
C ASP C 90 -8.73 -0.63 -10.26
N THR C 91 -9.79 -0.02 -10.82
CA THR C 91 -10.96 0.36 -10.04
C THR C 91 -11.80 -0.87 -9.76
N ALA C 92 -11.84 -1.31 -8.51
CA ALA C 92 -12.60 -2.50 -8.12
C ALA C 92 -12.82 -2.46 -6.61
N VAL C 93 -13.44 -3.51 -6.10
CA VAL C 93 -13.72 -3.65 -4.67
C VAL C 93 -12.94 -4.87 -4.19
N TYR C 94 -11.93 -4.65 -3.35
CA TYR C 94 -11.06 -5.72 -2.90
C TYR C 94 -11.64 -6.40 -1.67
N TYR C 95 -11.38 -7.70 -1.56
CA TYR C 95 -11.84 -8.53 -0.44
C TYR C 95 -10.66 -9.32 0.10
N CYS C 96 -10.92 -10.07 1.18
CA CYS C 96 -9.93 -10.96 1.78
C CYS C 96 -10.55 -12.33 1.98
N ALA C 97 -9.75 -13.37 1.76
CA ALA C 97 -10.21 -14.75 1.83
C ALA C 97 -9.36 -15.52 2.84
N ARG C 98 -9.74 -16.78 3.06
CA ARG C 98 -9.06 -17.66 4.00
C ARG C 98 -8.57 -18.97 3.38
N GLU C 99 -9.15 -19.40 2.26
CA GLU C 99 -8.71 -20.60 1.53
C GLU C 99 -8.74 -21.84 2.43
N PHE C 100 -9.95 -22.20 2.86
CA PHE C 100 -10.12 -23.40 3.68
C PHE C 100 -9.90 -24.67 2.85
N TRP C 101 -10.66 -24.81 1.76
CA TRP C 101 -10.55 -25.94 0.85
C TRP C 101 -10.40 -25.44 -0.58
N SER C 102 -9.51 -24.46 -0.77
CA SER C 102 -9.32 -23.80 -2.04
C SER C 102 -10.65 -23.23 -2.57
N ALA C 103 -11.46 -22.69 -1.65
CA ALA C 103 -12.78 -22.21 -1.98
C ALA C 103 -13.10 -20.83 -1.43
N PHE C 104 -12.13 -20.16 -0.79
CA PHE C 104 -12.31 -18.81 -0.25
C PHE C 104 -13.47 -18.78 0.76
N ASP C 105 -13.24 -19.47 1.88
CA ASP C 105 -14.28 -19.66 2.88
C ASP C 105 -14.84 -18.32 3.38
N LEU C 106 -13.97 -17.47 3.91
CA LEU C 106 -14.40 -16.23 4.54
C LEU C 106 -14.20 -15.05 3.60
N TRP C 107 -15.08 -14.06 3.74
CA TRP C 107 -15.04 -12.85 2.94
C TRP C 107 -15.28 -11.64 3.83
N GLY C 108 -14.82 -10.48 3.38
CA GLY C 108 -15.05 -9.22 4.07
C GLY C 108 -16.10 -8.37 3.38
N GLN C 109 -16.38 -7.22 4.00
CA GLN C 109 -17.38 -6.30 3.47
C GLN C 109 -16.89 -5.54 2.25
N GLY C 110 -15.59 -5.54 1.96
CA GLY C 110 -15.07 -4.90 0.78
C GLY C 110 -14.67 -3.46 1.00
N THR C 111 -14.00 -2.90 0.00
CA THR C 111 -13.55 -1.51 0.03
C THR C 111 -13.45 -1.01 -1.40
N MET C 112 -14.13 0.10 -1.69
CA MET C 112 -14.14 0.66 -3.03
C MET C 112 -12.90 1.52 -3.24
N VAL C 113 -12.23 1.32 -4.37
CA VAL C 113 -11.04 2.08 -4.74
C VAL C 113 -11.27 2.67 -6.13
N THR C 114 -11.22 4.00 -6.21
CA THR C 114 -11.43 4.73 -7.45
C THR C 114 -10.13 5.39 -7.88
N VAL C 115 -9.71 5.12 -9.12
CA VAL C 115 -8.48 5.66 -9.67
C VAL C 115 -8.85 6.43 -10.94
N SER C 116 -8.93 7.76 -10.83
CA SER C 116 -9.26 8.60 -11.97
C SER C 116 -8.88 10.03 -11.64
N SER C 117 -8.77 10.84 -12.70
CA SER C 117 -8.43 12.26 -12.60
C SER C 117 -9.66 13.14 -12.82
N ALA C 118 -10.81 12.73 -12.27
CA ALA C 118 -12.08 13.37 -12.57
C ALA C 118 -12.17 14.81 -12.09
N SER C 119 -11.23 15.28 -11.25
CA SER C 119 -11.19 16.67 -10.80
C SER C 119 -12.51 17.04 -10.10
N THR C 120 -12.70 16.42 -8.93
CA THR C 120 -13.95 16.43 -8.18
C THR C 120 -14.70 17.75 -8.28
N LYS C 121 -15.98 17.66 -8.65
CA LYS C 121 -16.83 18.82 -8.90
C LYS C 121 -18.22 18.54 -8.35
N GLY C 122 -18.87 19.60 -7.89
CA GLY C 122 -20.20 19.50 -7.31
C GLY C 122 -21.26 19.13 -8.35
N PRO C 123 -22.39 18.63 -7.88
CA PRO C 123 -23.45 18.21 -8.80
C PRO C 123 -24.27 19.39 -9.31
N SER C 124 -25.10 19.11 -10.31
CA SER C 124 -26.00 20.10 -10.88
C SER C 124 -27.34 19.43 -11.17
N VAL C 125 -28.43 20.14 -10.87
CA VAL C 125 -29.78 19.61 -10.98
C VAL C 125 -30.52 20.34 -12.09
N PHE C 126 -31.24 19.58 -12.91
CA PHE C 126 -32.07 20.14 -13.98
C PHE C 126 -33.47 19.53 -13.87
N PRO C 127 -34.53 20.32 -13.96
CA PRO C 127 -35.89 19.77 -13.86
C PRO C 127 -36.30 19.05 -15.13
N LEU C 128 -37.03 17.95 -14.95
CA LEU C 128 -37.54 17.15 -16.05
C LEU C 128 -39.07 17.13 -15.97
N ALA C 129 -39.73 17.56 -17.04
CA ALA C 129 -41.18 17.58 -17.08
C ALA C 129 -41.63 17.39 -18.53
N PRO C 130 -42.77 16.74 -18.75
CA PRO C 130 -43.29 16.63 -20.12
C PRO C 130 -43.75 18.00 -20.62
N CYS C 131 -43.18 18.43 -21.75
CA CYS C 131 -43.49 19.75 -22.28
C CYS C 131 -44.90 19.83 -22.83
N SER C 132 -45.49 18.70 -23.20
CA SER C 132 -46.88 18.65 -23.63
C SER C 132 -47.80 18.63 -22.42
N ARG C 133 -48.96 19.28 -22.58
CA ARG C 133 -49.94 19.42 -21.50
C ARG C 133 -51.18 18.64 -21.91
N SER C 134 -51.22 17.36 -21.53
CA SER C 134 -52.32 16.47 -21.87
C SER C 134 -52.86 15.82 -20.60
N THR C 135 -54.16 15.93 -20.39
CA THR C 135 -54.85 15.30 -19.27
C THR C 135 -55.68 14.10 -19.71
N SER C 136 -55.29 13.45 -20.81
CA SER C 136 -56.04 12.32 -21.32
C SER C 136 -56.01 11.15 -20.33
N GLU C 137 -54.81 10.67 -20.01
CA GLU C 137 -54.65 9.63 -19.01
C GLU C 137 -54.50 10.26 -17.62
N SER C 138 -55.11 9.62 -16.63
CA SER C 138 -55.18 10.18 -15.29
C SER C 138 -53.85 10.13 -14.55
N THR C 139 -52.81 9.54 -15.13
CA THR C 139 -51.52 9.39 -14.47
C THR C 139 -50.44 10.10 -15.28
N ALA C 140 -49.54 10.80 -14.58
CA ALA C 140 -48.45 11.52 -15.22
C ALA C 140 -47.12 11.13 -14.59
N ALA C 141 -46.05 11.83 -14.96
CA ALA C 141 -44.72 11.52 -14.47
C ALA C 141 -43.87 12.78 -14.39
N LEU C 142 -43.03 12.88 -13.37
CA LEU C 142 -42.12 13.99 -13.19
C LEU C 142 -40.80 13.48 -12.64
N GLY C 143 -39.82 14.36 -12.58
CA GLY C 143 -38.51 13.99 -12.07
C GLY C 143 -37.51 15.11 -12.25
N CYS C 144 -36.34 14.89 -11.68
CA CYS C 144 -35.23 15.84 -11.78
C CYS C 144 -33.95 15.10 -12.16
N LEU C 145 -33.12 15.74 -12.97
CA LEU C 145 -31.91 15.14 -13.52
C LEU C 145 -30.68 15.65 -12.80
N VAL C 146 -29.71 14.76 -12.59
CA VAL C 146 -28.43 15.11 -11.96
C VAL C 146 -27.32 14.71 -12.90
N LYS C 147 -26.43 15.65 -13.20
CA LYS C 147 -25.32 15.40 -14.12
C LYS C 147 -24.06 16.07 -13.62
N ASP C 148 -22.91 15.55 -14.06
CA ASP C 148 -21.60 16.14 -13.81
C ASP C 148 -21.32 16.26 -12.31
N TYR C 149 -21.26 15.10 -11.64
CA TYR C 149 -20.92 15.04 -10.24
C TYR C 149 -19.86 13.97 -10.01
N PHE C 150 -19.04 14.17 -8.98
CA PHE C 150 -17.97 13.25 -8.63
C PHE C 150 -17.48 13.56 -7.22
N PRO C 151 -17.25 12.54 -6.38
CA PRO C 151 -17.49 11.13 -6.69
C PRO C 151 -18.85 10.63 -6.19
N GLU C 152 -19.05 9.32 -6.25
CA GLU C 152 -20.26 8.70 -5.75
C GLU C 152 -20.21 8.58 -4.23
N PRO C 153 -21.38 8.43 -3.57
CA PRO C 153 -22.74 8.42 -4.12
C PRO C 153 -23.48 9.75 -3.97
N VAL C 154 -24.75 9.75 -4.37
CA VAL C 154 -25.63 10.90 -4.21
C VAL C 154 -27.00 10.39 -3.80
N THR C 155 -27.51 10.88 -2.67
CA THR C 155 -28.82 10.50 -2.17
C THR C 155 -29.86 11.49 -2.66
N VAL C 156 -30.94 10.99 -3.25
CA VAL C 156 -32.00 11.81 -3.80
C VAL C 156 -33.28 11.53 -3.02
N SER C 157 -33.91 12.60 -2.52
CA SER C 157 -35.15 12.49 -1.77
C SER C 157 -36.16 13.49 -2.32
N TRP C 158 -37.43 13.20 -2.10
CA TRP C 158 -38.53 14.01 -2.59
C TRP C 158 -39.38 14.48 -1.41
N ASN C 159 -39.71 15.77 -1.40
CA ASN C 159 -40.53 16.38 -0.34
C ASN C 159 -39.90 16.18 1.03
N SER C 160 -38.56 16.25 1.08
CA SER C 160 -37.80 16.07 2.32
C SER C 160 -38.11 14.72 2.97
N GLY C 161 -38.23 13.68 2.15
CA GLY C 161 -38.50 12.35 2.64
C GLY C 161 -39.95 12.04 2.92
N ALA C 162 -40.88 12.86 2.43
CA ALA C 162 -42.31 12.64 2.65
C ALA C 162 -42.99 11.99 1.46
N LEU C 163 -42.22 11.57 0.45
CA LEU C 163 -42.76 10.92 -0.73
C LEU C 163 -41.84 9.79 -1.14
N THR C 164 -42.34 8.56 -1.10
CA THR C 164 -41.56 7.39 -1.46
C THR C 164 -42.29 6.42 -2.38
N SER C 165 -43.59 6.59 -2.60
CA SER C 165 -44.33 5.70 -3.48
C SER C 165 -44.18 6.15 -4.93
N GLY C 166 -43.69 5.25 -5.79
CA GLY C 166 -43.50 5.56 -7.18
C GLY C 166 -42.18 6.22 -7.53
N VAL C 167 -41.22 6.22 -6.61
CA VAL C 167 -39.91 6.83 -6.86
C VAL C 167 -38.97 5.75 -7.39
N HIS C 168 -38.31 6.04 -8.52
CA HIS C 168 -37.39 5.11 -9.16
C HIS C 168 -36.08 5.85 -9.43
N THR C 169 -35.08 5.61 -8.59
CA THR C 169 -33.77 6.21 -8.77
C THR C 169 -32.89 5.26 -9.58
N PHE C 170 -32.40 5.74 -10.72
CA PHE C 170 -31.61 4.90 -11.60
C PHE C 170 -30.13 4.92 -11.18
N PRO C 171 -29.42 3.82 -11.39
CA PRO C 171 -28.00 3.79 -11.05
C PRO C 171 -27.20 4.80 -11.86
N ALA C 172 -26.07 5.21 -11.30
CA ALA C 172 -25.22 6.20 -11.96
C ALA C 172 -24.47 5.58 -13.13
N VAL C 173 -24.32 6.35 -14.21
CA VAL C 173 -23.59 5.93 -15.40
C VAL C 173 -22.30 6.73 -15.47
N LEU C 174 -21.28 6.11 -16.06
CA LEU C 174 -19.97 6.73 -16.23
C LEU C 174 -19.86 7.27 -17.64
N GLN C 175 -19.98 8.58 -17.79
CA GLN C 175 -19.88 9.22 -19.09
C GLN C 175 -18.43 9.30 -19.54
N SER C 176 -18.23 9.76 -20.77
CA SER C 176 -16.89 9.92 -21.32
C SER C 176 -16.15 11.12 -20.74
N SER C 177 -16.85 12.01 -20.03
CA SER C 177 -16.22 13.18 -19.42
C SER C 177 -15.62 12.88 -18.05
N GLY C 178 -15.61 11.62 -17.62
CA GLY C 178 -15.05 11.26 -16.34
C GLY C 178 -15.95 11.52 -15.15
N LEU C 179 -17.16 12.03 -15.37
CA LEU C 179 -18.08 12.34 -14.29
C LEU C 179 -19.31 11.44 -14.40
N TYR C 180 -19.94 11.17 -13.26
CA TYR C 180 -21.11 10.31 -13.20
C TYR C 180 -22.38 11.11 -13.46
N SER C 181 -23.47 10.37 -13.69
CA SER C 181 -24.76 10.99 -13.97
C SER C 181 -25.86 9.97 -13.67
N LEU C 182 -26.94 10.46 -13.07
CA LEU C 182 -28.09 9.61 -12.75
C LEU C 182 -29.37 10.42 -12.94
N SER C 183 -30.51 9.77 -12.74
CA SER C 183 -31.79 10.41 -12.89
C SER C 183 -32.78 9.80 -11.91
N SER C 184 -33.81 10.58 -11.57
CA SER C 184 -34.86 10.15 -10.66
C SER C 184 -36.20 10.56 -11.25
N VAL C 185 -37.19 9.67 -11.14
CA VAL C 185 -38.52 9.91 -11.68
C VAL C 185 -39.57 9.54 -10.64
N VAL C 186 -40.71 10.23 -10.70
CA VAL C 186 -41.84 9.97 -9.82
C VAL C 186 -43.10 9.85 -10.68
N THR C 187 -43.97 8.93 -10.30
CA THR C 187 -45.21 8.67 -11.02
C THR C 187 -46.38 9.09 -10.13
N VAL C 188 -47.02 10.20 -10.50
CA VAL C 188 -48.13 10.75 -9.72
C VAL C 188 -49.30 10.98 -10.66
N PRO C 189 -50.52 11.01 -10.12
CA PRO C 189 -51.70 11.24 -10.98
C PRO C 189 -51.66 12.61 -11.63
N SER C 190 -52.44 12.74 -12.71
CA SER C 190 -52.41 13.96 -13.52
C SER C 190 -53.10 15.13 -12.81
N SER C 191 -54.07 14.85 -11.94
CA SER C 191 -54.78 15.91 -11.26
C SER C 191 -54.00 16.51 -10.10
N SER C 192 -52.95 15.83 -9.64
CA SER C 192 -52.15 16.29 -8.52
C SER C 192 -51.00 17.21 -8.96
N LEU C 193 -51.00 17.67 -10.21
CA LEU C 193 -49.93 18.52 -10.72
C LEU C 193 -50.24 20.01 -10.61
N GLY C 194 -51.49 20.38 -10.34
CA GLY C 194 -51.87 21.78 -10.32
C GLY C 194 -51.94 22.38 -8.93
N THR C 195 -52.02 21.55 -7.90
CA THR C 195 -52.14 22.02 -6.53
C THR C 195 -50.98 21.58 -5.64
N LYS C 196 -50.52 20.34 -5.77
CA LYS C 196 -49.45 19.83 -4.93
C LYS C 196 -48.10 20.14 -5.54
N THR C 197 -47.12 20.42 -4.68
CA THR C 197 -45.76 20.75 -5.11
C THR C 197 -44.86 19.53 -4.94
N TYR C 198 -43.97 19.33 -5.92
CA TYR C 198 -43.04 18.21 -5.92
C TYR C 198 -41.63 18.75 -6.07
N THR C 199 -40.82 18.58 -5.04
CA THR C 199 -39.42 19.01 -5.05
C THR C 199 -38.52 17.83 -4.76
N CYS C 200 -37.41 17.75 -5.48
CA CYS C 200 -36.40 16.73 -5.27
C CYS C 200 -35.19 17.34 -4.57
N ASN C 201 -34.60 16.59 -3.65
CA ASN C 201 -33.49 17.06 -2.83
C ASN C 201 -32.24 16.25 -3.17
N VAL C 202 -31.20 16.94 -3.64
CA VAL C 202 -29.94 16.31 -4.02
C VAL C 202 -28.85 16.79 -3.07
N ASP C 203 -28.08 15.86 -2.53
CA ASP C 203 -26.97 16.17 -1.64
C ASP C 203 -25.74 15.37 -2.05
N HIS C 204 -24.57 15.93 -1.77
CA HIS C 204 -23.30 15.31 -2.10
C HIS C 204 -22.33 15.59 -0.96
N LYS C 205 -22.12 14.58 -0.11
CA LYS C 205 -21.28 14.69 1.09
C LYS C 205 -19.82 14.97 0.77
N PRO C 206 -19.20 14.32 -0.24
CA PRO C 206 -17.81 14.67 -0.57
C PRO C 206 -17.61 16.13 -0.97
N SER C 207 -18.67 16.82 -1.39
CA SER C 207 -18.58 18.24 -1.73
C SER C 207 -19.41 19.14 -0.82
N ASN C 208 -20.25 18.57 0.05
CA ASN C 208 -21.10 19.33 0.97
C ASN C 208 -21.99 20.32 0.20
N THR C 209 -22.70 19.77 -0.79
CA THR C 209 -23.59 20.56 -1.64
C THR C 209 -25.01 20.02 -1.52
N LYS C 210 -25.94 20.90 -1.15
CA LYS C 210 -27.36 20.56 -1.05
C LYS C 210 -28.14 21.54 -1.94
N VAL C 211 -28.60 21.06 -3.09
CA VAL C 211 -29.33 21.87 -4.05
C VAL C 211 -30.65 21.18 -4.36
N ASP C 212 -31.75 21.89 -4.13
CA ASP C 212 -33.10 21.38 -4.40
C ASP C 212 -33.71 22.17 -5.56
N LYS C 213 -34.55 21.49 -6.35
CA LYS C 213 -35.14 22.07 -7.53
C LYS C 213 -36.66 21.94 -7.47
N ARG C 214 -37.36 23.00 -7.88
CA ARG C 214 -38.82 23.01 -7.96
C ARG C 214 -39.22 22.50 -9.33
N VAL C 215 -39.70 21.26 -9.38
CA VAL C 215 -40.06 20.60 -10.62
C VAL C 215 -41.58 20.57 -10.72
N GLU C 216 -42.13 21.27 -11.70
CA GLU C 216 -43.57 21.28 -11.95
C GLU C 216 -43.81 21.74 -13.37
N SER C 217 -45.06 21.61 -13.82
CA SER C 217 -45.43 21.96 -15.19
C SER C 217 -45.28 23.44 -15.45
N ASP D 1 21.83 3.17 11.30
CA ASP D 1 22.73 2.21 11.92
C ASP D 1 24.02 2.90 12.36
N ILE D 2 24.80 3.36 11.39
CA ILE D 2 26.04 4.06 11.68
C ILE D 2 25.73 5.49 12.09
N GLN D 3 26.24 5.88 13.26
CA GLN D 3 26.04 7.23 13.78
C GLN D 3 27.36 7.99 13.71
N MET D 4 27.31 9.19 13.13
CA MET D 4 28.49 10.02 12.97
C MET D 4 28.56 11.06 14.07
N THR D 5 29.76 11.27 14.62
CA THR D 5 29.97 12.21 15.71
C THR D 5 31.12 13.14 15.35
N GLN D 6 30.82 14.43 15.28
CA GLN D 6 31.82 15.44 14.98
C GLN D 6 32.33 16.08 16.26
N SER D 7 33.54 16.64 16.18
CA SER D 7 34.17 17.27 17.34
C SER D 7 35.18 18.31 16.88
N PRO D 8 35.02 19.59 17.29
CA PRO D 8 33.88 20.03 18.11
C PRO D 8 32.69 20.47 17.28
N SER D 9 31.65 20.98 17.94
CA SER D 9 30.47 21.50 17.26
C SER D 9 30.63 22.94 16.81
N SER D 10 31.62 23.66 17.34
CA SER D 10 31.87 25.05 16.98
C SER D 10 33.30 25.40 17.32
N LEU D 11 33.95 26.15 16.45
CA LEU D 11 35.34 26.53 16.64
C LEU D 11 35.53 27.99 16.24
N SER D 12 36.31 28.71 17.03
CA SER D 12 36.61 30.11 16.79
C SER D 12 38.12 30.27 16.60
N ALA D 13 38.51 30.85 15.46
CA ALA D 13 39.92 31.04 15.15
C ALA D 13 40.05 32.15 14.12
N SER D 14 41.23 32.79 14.10
CA SER D 14 41.50 33.87 13.18
C SER D 14 42.03 33.32 11.86
N VAL D 15 42.20 34.22 10.89
CA VAL D 15 42.69 33.83 9.58
C VAL D 15 44.16 33.45 9.66
N GLY D 16 44.60 32.59 8.74
CA GLY D 16 45.97 32.14 8.70
C GLY D 16 46.33 31.06 9.69
N ASP D 17 45.40 30.64 10.54
CA ASP D 17 45.67 29.62 11.54
C ASP D 17 45.30 28.24 11.00
N ARG D 18 45.74 27.20 11.72
CA ARG D 18 45.49 25.82 11.34
C ARG D 18 44.32 25.28 12.16
N VAL D 19 43.25 24.89 11.46
CA VAL D 19 42.03 24.40 12.09
C VAL D 19 41.89 22.92 11.76
N THR D 20 41.61 22.11 12.78
CA THR D 20 41.46 20.68 12.65
C THR D 20 40.06 20.27 13.08
N ILE D 21 39.37 19.52 12.21
CA ILE D 21 38.01 19.04 12.47
C ILE D 21 38.05 17.52 12.51
N THR D 22 37.40 16.93 13.51
CA THR D 22 37.38 15.50 13.71
C THR D 22 35.96 14.98 13.56
N CYS D 23 35.81 13.87 12.83
CA CYS D 23 34.53 13.21 12.64
C CYS D 23 34.68 11.75 13.05
N ARG D 24 33.89 11.33 14.04
CA ARG D 24 33.97 9.99 14.59
C ARG D 24 32.76 9.18 14.16
N ALA D 25 32.97 7.90 13.85
CA ALA D 25 31.92 7.00 13.40
C ALA D 25 31.59 6.00 14.51
N SER D 26 30.57 5.19 14.25
CA SER D 26 30.13 4.18 15.21
C SER D 26 30.75 2.81 14.98
N GLN D 27 31.28 2.56 13.79
CA GLN D 27 31.91 1.28 13.49
C GLN D 27 33.15 1.56 12.63
N SER D 28 33.72 0.50 12.06
CA SER D 28 34.93 0.60 11.27
C SER D 28 34.59 0.76 9.80
N ILE D 29 34.94 1.93 9.24
CA ILE D 29 34.75 2.21 7.82
C ILE D 29 36.12 2.52 7.23
N SER D 30 36.44 1.86 6.11
CA SER D 30 37.76 1.96 5.51
C SER D 30 38.08 3.39 5.08
N SER D 31 37.42 3.86 4.02
CA SER D 31 37.60 5.24 3.55
C SER D 31 36.30 5.88 3.11
N TYR D 32 35.15 5.30 3.46
CA TYR D 32 33.86 5.77 2.98
C TYR D 32 33.44 7.00 3.81
N LEU D 33 34.03 8.13 3.46
CA LEU D 33 33.70 9.39 4.11
C LEU D 33 33.81 10.52 3.09
N ASN D 34 32.90 11.49 3.19
CA ASN D 34 32.89 12.66 2.33
C ASN D 34 32.74 13.91 3.18
N TRP D 35 33.43 14.97 2.77
CA TRP D 35 33.39 16.26 3.48
C TRP D 35 32.68 17.28 2.61
N TYR D 36 31.69 17.97 3.18
CA TYR D 36 30.91 18.97 2.48
C TYR D 36 31.07 20.32 3.16
N GLN D 37 30.75 21.37 2.41
CA GLN D 37 30.79 22.75 2.91
C GLN D 37 29.50 23.44 2.52
N GLN D 38 28.74 23.91 3.52
CA GLN D 38 27.47 24.57 3.30
C GLN D 38 27.52 25.96 3.90
N LYS D 39 27.30 26.98 3.08
CA LYS D 39 27.24 28.36 3.51
C LYS D 39 25.81 28.79 3.78
N PRO D 40 25.60 29.76 4.67
CA PRO D 40 24.24 30.20 5.00
C PRO D 40 23.52 30.74 3.77
N GLY D 41 22.43 30.08 3.40
CA GLY D 41 21.62 30.50 2.27
C GLY D 41 22.00 29.87 0.95
N LYS D 42 22.84 28.84 0.94
CA LYS D 42 23.26 28.19 -0.30
C LYS D 42 23.37 26.69 -0.07
N ALA D 43 23.41 25.95 -1.17
CA ALA D 43 23.48 24.50 -1.10
C ALA D 43 24.87 24.06 -0.67
N PRO D 44 24.98 22.89 -0.04
CA PRO D 44 26.30 22.37 0.35
C PRO D 44 27.15 22.07 -0.86
N LYS D 45 28.47 22.14 -0.67
CA LYS D 45 29.45 21.91 -1.72
C LYS D 45 30.47 20.89 -1.24
N LEU D 46 30.74 19.88 -2.07
CA LEU D 46 31.71 18.86 -1.72
C LEU D 46 33.12 19.44 -1.76
N LEU D 47 33.93 19.08 -0.75
CA LEU D 47 35.31 19.51 -0.67
C LEU D 47 36.30 18.37 -0.90
N ILE D 48 36.19 17.29 -0.13
CA ILE D 48 37.11 16.17 -0.21
C ILE D 48 36.29 14.88 -0.16
N TYR D 49 36.43 14.04 -1.19
CA TYR D 49 35.81 12.72 -1.20
C TYR D 49 36.85 11.67 -0.84
N ALA D 50 36.37 10.54 -0.32
CA ALA D 50 37.20 9.46 0.19
C ALA D 50 38.10 9.91 1.34
N ALA D 51 37.79 11.06 1.94
CA ALA D 51 38.45 11.60 3.12
C ALA D 51 39.90 11.98 2.87
N SER D 52 40.40 11.72 1.67
CA SER D 52 41.79 12.05 1.35
C SER D 52 42.00 12.60 -0.06
N SER D 53 40.95 12.67 -0.88
CA SER D 53 41.07 13.07 -2.27
C SER D 53 40.36 14.40 -2.48
N LEU D 54 41.12 15.42 -2.87
CA LEU D 54 40.57 16.74 -3.09
C LEU D 54 39.86 16.82 -4.45
N GLN D 55 38.71 17.49 -4.46
CA GLN D 55 37.96 17.65 -5.69
C GLN D 55 38.60 18.74 -6.56
N SER D 56 38.34 18.65 -7.86
CA SER D 56 38.87 19.65 -8.79
C SER D 56 38.25 21.01 -8.52
N GLY D 57 39.09 22.03 -8.45
CA GLY D 57 38.64 23.37 -8.14
C GLY D 57 38.68 23.74 -6.68
N VAL D 58 39.28 22.92 -5.84
CA VAL D 58 39.39 23.17 -4.40
C VAL D 58 40.81 23.62 -4.09
N PRO D 59 41.01 24.68 -3.32
CA PRO D 59 42.37 25.12 -2.99
C PRO D 59 43.15 24.04 -2.25
N SER D 60 44.48 24.13 -2.34
CA SER D 60 45.36 23.15 -1.73
C SER D 60 45.46 23.29 -0.22
N ARG D 61 44.88 24.34 0.37
CA ARG D 61 44.92 24.49 1.82
C ARG D 61 44.08 23.45 2.55
N PHE D 62 43.06 22.90 1.89
CA PHE D 62 42.25 21.87 2.50
C PHE D 62 42.94 20.51 2.39
N SER D 63 42.85 19.72 3.45
CA SER D 63 43.46 18.40 3.46
C SER D 63 42.64 17.48 4.35
N GLY D 64 42.80 16.18 4.14
CA GLY D 64 42.08 15.18 4.91
C GLY D 64 42.89 13.93 5.17
N SER D 65 42.85 13.45 6.42
CA SER D 65 43.58 12.25 6.79
C SER D 65 42.75 11.47 7.79
N GLY D 66 43.23 10.27 8.12
CA GLY D 66 42.54 9.41 9.05
C GLY D 66 41.71 8.36 8.33
N SER D 67 41.53 7.22 9.01
CA SER D 67 40.81 6.09 8.43
C SER D 67 40.40 5.14 9.54
N GLY D 68 39.56 4.18 9.18
CA GLY D 68 39.09 3.17 10.11
C GLY D 68 37.89 3.60 10.93
N THR D 69 38.13 4.42 11.96
CA THR D 69 37.03 4.89 12.80
C THR D 69 37.13 6.39 13.04
N ASP D 70 38.33 6.95 12.95
CA ASP D 70 38.58 8.36 13.17
C ASP D 70 39.15 9.00 11.91
N PHE D 71 38.65 10.18 11.58
CA PHE D 71 39.10 10.94 10.42
C PHE D 71 39.53 12.34 10.86
N THR D 72 40.09 13.09 9.93
CA THR D 72 40.64 14.40 10.24
C THR D 72 40.50 15.31 9.03
N LEU D 73 39.90 16.48 9.23
CA LEU D 73 39.83 17.54 8.23
C LEU D 73 40.64 18.72 8.74
N THR D 74 41.76 19.00 8.07
CA THR D 74 42.68 20.05 8.48
C THR D 74 42.79 21.10 7.38
N ILE D 75 42.95 22.35 7.79
CA ILE D 75 43.14 23.48 6.89
C ILE D 75 44.47 24.13 7.22
N SER D 76 45.32 24.31 6.21
CA SER D 76 46.65 24.87 6.44
C SER D 76 46.57 26.31 6.91
N SER D 77 46.01 27.19 6.08
CA SER D 77 45.88 28.62 6.40
C SER D 77 44.43 29.02 6.23
N LEU D 78 43.82 29.52 7.30
CA LEU D 78 42.42 29.91 7.26
C LEU D 78 42.24 31.19 6.46
N GLN D 79 41.25 31.19 5.58
CA GLN D 79 40.93 32.32 4.73
C GLN D 79 39.58 32.93 5.12
N PRO D 80 39.35 34.21 4.83
CA PRO D 80 38.06 34.82 5.17
C PRO D 80 36.88 34.17 4.48
N GLU D 81 37.09 33.56 3.30
CA GLU D 81 36.02 32.90 2.58
C GLU D 81 35.90 31.42 2.93
N ASP D 82 36.42 31.01 4.09
CA ASP D 82 36.37 29.63 4.52
C ASP D 82 35.46 29.41 5.73
N PHE D 83 34.92 30.47 6.33
CA PHE D 83 34.06 30.33 7.50
C PHE D 83 32.70 29.83 7.06
N ALA D 84 32.43 28.54 7.33
CA ALA D 84 31.16 27.93 6.98
C ALA D 84 30.98 26.68 7.83
N THR D 85 29.87 25.98 7.60
CA THR D 85 29.55 24.75 8.31
C THR D 85 30.01 23.55 7.49
N TYR D 86 30.65 22.60 8.15
CA TYR D 86 31.19 21.41 7.52
C TYR D 86 30.53 20.16 8.07
N TYR D 87 30.17 19.24 7.16
CA TYR D 87 29.54 17.99 7.52
C TYR D 87 30.36 16.83 6.98
N CYS D 88 30.28 15.69 7.68
CA CYS D 88 30.93 14.45 7.23
C CYS D 88 29.85 13.41 6.98
N GLN D 89 29.93 12.75 5.84
CA GLN D 89 28.94 11.77 5.42
C GLN D 89 29.62 10.43 5.13
N GLN D 90 29.03 9.35 5.63
CA GLN D 90 29.51 8.01 5.40
C GLN D 90 28.75 7.38 4.24
N SER D 91 29.47 6.56 3.46
CA SER D 91 28.92 5.87 2.30
C SER D 91 29.16 4.37 2.39
N TYR D 92 29.01 3.82 3.60
CA TYR D 92 29.25 2.40 3.84
C TYR D 92 27.97 1.58 3.85
N SER D 93 26.95 2.05 4.56
CA SER D 93 25.67 1.35 4.67
C SER D 93 24.59 2.19 3.99
N THR D 94 23.88 1.58 3.05
CA THR D 94 22.82 2.26 2.31
C THR D 94 21.66 1.30 2.05
N PRO D 95 20.47 1.56 2.60
CA PRO D 95 20.15 2.67 3.51
C PRO D 95 20.54 2.36 4.95
N PRO D 96 20.62 3.37 5.81
CA PRO D 96 20.45 4.81 5.52
C PRO D 96 21.77 5.57 5.44
N ILE D 97 21.73 6.73 4.79
CA ILE D 97 22.88 7.62 4.71
C ILE D 97 22.79 8.63 5.86
N THR D 98 23.77 8.61 6.75
CA THR D 98 23.76 9.44 7.94
C THR D 98 24.80 10.54 7.84
N PHE D 99 24.44 11.72 8.33
CA PHE D 99 25.32 12.88 8.35
C PHE D 99 25.66 13.26 9.79
N GLY D 100 26.67 14.10 9.94
CA GLY D 100 27.04 14.60 11.23
C GLY D 100 26.18 15.76 11.69
N GLN D 101 26.35 16.14 12.96
CA GLN D 101 25.58 17.25 13.51
C GLN D 101 26.04 18.60 12.99
N GLY D 102 27.21 18.68 12.37
CA GLY D 102 27.68 19.92 11.80
C GLY D 102 28.72 20.60 12.68
N THR D 103 29.62 21.34 12.03
CA THR D 103 30.67 22.09 12.72
C THR D 103 30.77 23.46 12.07
N ARG D 104 30.27 24.49 12.76
CA ARG D 104 30.27 25.84 12.22
C ARG D 104 31.53 26.58 12.69
N LEU D 105 32.19 27.25 11.75
CA LEU D 105 33.40 28.02 12.05
C LEU D 105 33.06 29.49 12.18
N GLU D 106 33.62 30.13 13.19
CA GLU D 106 33.35 31.53 13.48
C GLU D 106 34.65 32.33 13.48
N ILE D 107 34.51 33.65 13.39
CA ILE D 107 35.65 34.55 13.39
C ILE D 107 36.04 34.88 14.82
N LYS D 108 37.35 35.02 15.04
CA LYS D 108 37.90 35.29 16.36
C LYS D 108 38.21 36.78 16.51
N ARG D 109 37.88 37.34 17.66
CA ARG D 109 38.15 38.73 17.96
C ARG D 109 38.31 38.88 19.48
N THR D 110 38.48 40.13 19.92
CA THR D 110 38.61 40.41 21.34
C THR D 110 37.23 40.52 21.98
N VAL D 111 37.21 40.40 23.30
CA VAL D 111 35.97 40.47 24.06
C VAL D 111 35.53 41.92 24.19
N ALA D 112 34.24 42.18 23.97
CA ALA D 112 33.68 43.52 24.03
C ALA D 112 32.49 43.53 24.98
N ALA D 113 32.18 44.73 25.48
CA ALA D 113 31.07 44.91 26.40
C ALA D 113 29.80 45.29 25.64
N PRO D 114 28.66 44.74 26.02
CA PRO D 114 27.41 45.05 25.33
C PRO D 114 26.80 46.35 25.81
N SER D 115 25.82 46.84 25.04
CA SER D 115 25.03 48.02 25.38
C SER D 115 23.58 47.57 25.52
N VAL D 116 23.08 47.54 26.74
CA VAL D 116 21.75 47.01 27.03
C VAL D 116 20.75 48.15 27.15
N PHE D 117 19.53 47.93 26.65
CA PHE D 117 18.46 48.89 26.73
C PHE D 117 17.14 48.15 26.89
N ILE D 118 16.14 48.86 27.43
CA ILE D 118 14.80 48.31 27.59
C ILE D 118 13.80 49.23 26.91
N PHE D 119 12.73 48.63 26.39
CA PHE D 119 11.69 49.37 25.68
C PHE D 119 10.35 49.01 26.30
N PRO D 120 9.63 49.96 26.90
CA PRO D 120 8.33 49.65 27.49
C PRO D 120 7.29 49.41 26.42
N PRO D 121 6.17 48.77 26.75
CA PRO D 121 5.12 48.55 25.75
C PRO D 121 4.53 49.86 25.24
N SER D 122 4.11 49.85 23.99
CA SER D 122 3.56 51.05 23.35
C SER D 122 2.11 51.24 23.78
N ASP D 123 1.54 52.37 23.33
CA ASP D 123 0.15 52.66 23.63
C ASP D 123 -0.79 51.78 22.83
N GLU D 124 -0.41 51.42 21.60
CA GLU D 124 -1.22 50.51 20.80
C GLU D 124 -1.17 49.09 21.32
N GLN D 125 -0.19 48.76 22.16
CA GLN D 125 -0.10 47.43 22.76
C GLN D 125 -1.01 47.28 23.97
N LEU D 126 -1.47 48.39 24.56
CA LEU D 126 -2.28 48.32 25.77
C LEU D 126 -3.69 47.83 25.46
N LYS D 127 -4.32 48.39 24.42
CA LYS D 127 -5.73 48.14 24.13
C LYS D 127 -5.97 46.78 23.46
N SER D 128 -4.95 45.93 23.34
CA SER D 128 -5.10 44.63 22.71
C SER D 128 -5.33 43.51 23.72
N GLY D 129 -4.53 43.46 24.79
CA GLY D 129 -4.69 42.44 25.79
C GLY D 129 -3.38 41.88 26.31
N THR D 130 -2.32 42.02 25.52
CA THR D 130 -0.99 41.55 25.90
C THR D 130 -0.01 42.70 25.87
N ALA D 131 1.02 42.61 26.71
CA ALA D 131 2.06 43.63 26.80
C ALA D 131 3.42 42.95 26.70
N SER D 132 4.24 43.40 25.76
CA SER D 132 5.55 42.82 25.51
C SER D 132 6.62 43.88 25.70
N VAL D 133 7.49 43.67 26.69
CA VAL D 133 8.63 44.53 26.95
C VAL D 133 9.89 43.80 26.53
N VAL D 134 10.73 44.45 25.74
CA VAL D 134 11.91 43.83 25.17
C VAL D 134 13.16 44.38 25.85
N CYS D 135 14.22 43.57 25.84
CA CYS D 135 15.51 43.95 26.40
C CYS D 135 16.56 43.70 25.33
N LEU D 136 17.30 44.74 24.95
CA LEU D 136 18.22 44.69 23.84
C LEU D 136 19.65 44.44 24.30
N LEU D 137 20.36 43.59 23.55
CA LEU D 137 21.79 43.41 23.70
C LEU D 137 22.44 43.68 22.34
N ASN D 138 23.50 44.49 22.33
CA ASN D 138 24.10 44.94 21.09
C ASN D 138 25.62 45.00 21.23
N ASN D 139 26.32 44.51 20.21
CA ASN D 139 27.78 44.60 20.10
C ASN D 139 28.48 43.96 21.30
N PHE D 140 28.29 42.65 21.42
CA PHE D 140 28.95 41.86 22.45
C PHE D 140 29.64 40.66 21.81
N TYR D 141 30.63 40.12 22.52
CA TYR D 141 31.39 38.97 22.06
C TYR D 141 32.07 38.35 23.25
N PRO D 142 32.03 37.01 23.41
CA PRO D 142 31.43 36.05 22.48
C PRO D 142 29.91 35.96 22.58
N ARG D 143 29.34 34.99 21.86
CA ARG D 143 27.89 34.84 21.82
C ARG D 143 27.31 34.32 23.14
N GLU D 144 28.13 33.62 23.92
CA GLU D 144 27.68 33.03 25.18
C GLU D 144 27.33 34.15 26.16
N ALA D 145 26.03 34.32 26.42
CA ALA D 145 25.56 35.34 27.35
C ALA D 145 24.21 34.92 27.91
N LYS D 146 23.96 35.28 29.16
CA LYS D 146 22.73 34.94 29.85
C LYS D 146 22.12 36.21 30.44
N VAL D 147 20.83 36.39 30.21
CA VAL D 147 20.11 37.58 30.67
C VAL D 147 19.18 37.19 31.82
N GLN D 148 18.79 38.19 32.60
CA GLN D 148 17.92 38.00 33.75
C GLN D 148 16.64 38.82 33.59
N TRP D 149 15.52 38.23 33.97
CA TRP D 149 14.23 38.90 33.98
C TRP D 149 13.65 38.85 35.38
N LYS D 150 13.43 40.03 35.97
CA LYS D 150 12.92 40.11 37.34
C LYS D 150 11.92 41.25 37.43
N VAL D 151 10.76 40.98 38.02
CA VAL D 151 9.77 41.99 38.33
C VAL D 151 9.73 42.12 39.84
N ASP D 152 10.31 43.20 40.36
CA ASP D 152 10.47 43.39 41.81
C ASP D 152 11.26 42.23 42.41
N ASN D 153 12.32 41.82 41.73
CA ASN D 153 13.19 40.71 42.15
C ASN D 153 12.40 39.40 42.26
N ALA D 154 11.55 39.15 41.27
CA ALA D 154 10.82 37.89 41.16
C ALA D 154 11.28 37.15 39.91
N LEU D 155 11.63 35.88 40.05
CA LEU D 155 12.20 35.11 38.96
C LEU D 155 11.07 34.52 38.10
N GLN D 156 11.22 34.63 36.79
CA GLN D 156 10.30 34.05 35.83
C GLN D 156 10.99 32.96 35.03
N SER D 157 10.18 32.09 34.43
CA SER D 157 10.71 30.95 33.69
C SER D 157 9.66 30.48 32.70
N GLY D 158 10.08 30.20 31.46
CA GLY D 158 9.19 29.69 30.44
C GLY D 158 8.26 30.70 29.81
N ASN D 159 8.49 32.00 30.05
CA ASN D 159 7.61 33.04 29.52
C ASN D 159 8.42 34.10 28.77
N SER D 160 9.49 33.68 28.10
CA SER D 160 10.32 34.62 27.35
C SER D 160 11.02 33.89 26.22
N GLN D 161 11.13 34.56 25.07
CA GLN D 161 11.81 34.04 23.90
C GLN D 161 12.90 35.02 23.47
N GLU D 162 14.04 34.50 23.06
CA GLU D 162 15.16 35.32 22.63
C GLU D 162 15.78 34.75 21.37
N SER D 163 16.37 35.64 20.58
CA SER D 163 17.02 35.27 19.32
C SER D 163 18.27 36.10 19.13
N VAL D 164 19.32 35.48 18.62
CA VAL D 164 20.62 36.13 18.44
C VAL D 164 20.87 36.30 16.95
N THR D 165 21.63 37.33 16.61
CA THR D 165 21.99 37.60 15.22
C THR D 165 23.30 36.89 14.87
N GLU D 166 23.67 36.95 13.60
CA GLU D 166 24.92 36.36 13.13
C GLU D 166 26.06 37.35 13.32
N GLN D 167 27.27 36.93 12.94
CA GLN D 167 28.44 37.78 13.08
C GLN D 167 28.42 38.91 12.06
N ASP D 168 28.71 40.12 12.52
CA ASP D 168 28.76 41.27 11.64
C ASP D 168 29.95 41.16 10.69
N SER D 169 29.83 41.80 9.53
CA SER D 169 30.88 41.75 8.53
C SER D 169 32.00 42.73 8.78
N LYS D 170 31.81 43.70 9.68
CA LYS D 170 32.84 44.72 9.93
C LYS D 170 33.74 44.35 11.11
N ASP D 171 33.15 44.21 12.30
CA ASP D 171 33.91 43.89 13.49
C ASP D 171 33.53 42.56 14.12
N SER D 172 32.59 41.82 13.51
CA SER D 172 32.20 40.48 13.95
C SER D 172 31.65 40.49 15.39
N THR D 173 30.65 41.35 15.61
CA THR D 173 30.00 41.45 16.90
C THR D 173 28.69 40.66 16.88
N TYR D 174 28.02 40.61 18.03
CA TYR D 174 26.76 39.91 18.19
C TYR D 174 25.70 40.83 18.76
N SER D 175 24.44 40.49 18.53
CA SER D 175 23.30 41.23 19.06
C SER D 175 22.18 40.27 19.38
N LEU D 176 21.61 40.40 20.58
CA LEU D 176 20.57 39.50 21.04
C LEU D 176 19.38 40.33 21.54
N SER D 177 18.19 39.79 21.36
CA SER D 177 16.95 40.45 21.77
C SER D 177 16.03 39.44 22.42
N SER D 178 15.57 39.74 23.62
CA SER D 178 14.65 38.89 24.36
C SER D 178 13.36 39.64 24.65
N THR D 179 12.23 38.97 24.44
CA THR D 179 10.91 39.57 24.62
C THR D 179 10.18 38.86 25.76
N LEU D 180 9.62 39.64 26.67
CA LEU D 180 8.84 39.12 27.80
C LEU D 180 7.36 39.30 27.47
N THR D 181 6.65 38.18 27.29
CA THR D 181 5.25 38.20 26.91
C THR D 181 4.37 38.03 28.15
N LEU D 182 3.57 39.05 28.46
CA LEU D 182 2.64 39.00 29.57
C LEU D 182 1.37 39.76 29.19
N SER D 183 0.22 39.27 29.66
CA SER D 183 -1.04 39.92 29.39
C SER D 183 -1.16 41.20 30.22
N LYS D 184 -2.29 41.90 30.06
CA LYS D 184 -2.48 43.16 30.76
C LYS D 184 -2.70 42.95 32.26
N ALA D 185 -3.23 41.79 32.66
CA ALA D 185 -3.47 41.53 34.07
C ALA D 185 -2.16 41.52 34.86
N ASP D 186 -1.22 40.66 34.47
CA ASP D 186 0.06 40.60 35.16
C ASP D 186 0.92 41.83 34.89
N TYR D 187 0.63 42.59 33.83
CA TYR D 187 1.38 43.81 33.57
C TYR D 187 0.94 44.94 34.50
N GLU D 188 -0.37 45.08 34.73
CA GLU D 188 -0.87 46.09 35.63
C GLU D 188 -0.81 45.67 37.09
N LYS D 189 -0.67 44.37 37.38
CA LYS D 189 -0.50 43.94 38.76
C LYS D 189 0.88 44.33 39.30
N HIS D 190 1.89 44.31 38.45
CA HIS D 190 3.23 44.74 38.83
C HIS D 190 3.51 46.15 38.30
N LYS D 191 4.55 46.76 38.83
CA LYS D 191 4.89 48.11 38.40
C LYS D 191 6.32 48.25 37.91
N VAL D 192 7.28 47.56 38.55
CA VAL D 192 8.69 47.70 38.22
C VAL D 192 9.14 46.54 37.37
N TYR D 193 9.90 46.84 36.31
CA TYR D 193 10.45 45.84 35.40
C TYR D 193 11.95 46.04 35.30
N ALA D 194 12.69 44.93 35.30
CA ALA D 194 14.14 44.97 35.26
C ALA D 194 14.66 43.98 34.23
N CYS D 195 15.92 44.19 33.85
CA CYS D 195 16.61 43.27 32.94
C CYS D 195 18.10 43.40 33.20
N GLU D 196 18.73 42.32 33.66
CA GLU D 196 20.16 42.28 33.92
C GLU D 196 20.82 41.22 33.06
N VAL D 197 22.01 41.51 32.55
CA VAL D 197 22.72 40.60 31.66
C VAL D 197 23.99 40.14 32.35
N THR D 198 24.41 38.91 32.03
CA THR D 198 25.65 38.33 32.53
C THR D 198 26.55 38.01 31.34
N HIS D 199 27.76 38.56 31.36
CA HIS D 199 28.68 38.40 30.24
C HIS D 199 30.09 38.27 30.77
N GLN D 200 30.98 37.73 29.93
CA GLN D 200 32.37 37.56 30.32
C GLN D 200 33.09 38.90 30.42
N GLY D 201 32.84 39.80 29.47
CA GLY D 201 33.46 41.10 29.45
C GLY D 201 32.88 42.11 30.40
N LEU D 202 31.94 41.70 31.26
CA LEU D 202 31.32 42.59 32.23
C LEU D 202 31.70 42.15 33.63
N SER D 203 32.25 43.08 34.42
CA SER D 203 32.58 42.77 35.80
C SER D 203 31.33 42.61 36.65
N SER D 204 30.38 43.52 36.51
CA SER D 204 29.10 43.46 37.21
C SER D 204 27.97 43.57 36.21
N PRO D 205 26.83 42.95 36.50
CA PRO D 205 25.68 43.04 35.57
C PRO D 205 25.19 44.47 35.41
N VAL D 206 24.95 44.85 34.17
CA VAL D 206 24.43 46.19 33.86
C VAL D 206 22.94 46.23 34.17
N THR D 207 22.52 47.32 34.82
CA THR D 207 21.14 47.49 35.25
C THR D 207 20.48 48.59 34.42
N LYS D 208 19.35 48.25 33.79
CA LYS D 208 18.52 49.20 33.07
C LYS D 208 17.06 48.85 33.35
N SER D 209 16.40 49.67 34.17
CA SER D 209 15.07 49.36 34.65
C SER D 209 14.13 50.54 34.44
N PHE D 210 12.85 50.28 34.68
CA PHE D 210 11.82 51.31 34.64
C PHE D 210 10.63 50.79 35.45
N ASN D 211 9.75 51.71 35.84
CA ASN D 211 8.54 51.34 36.57
C ASN D 211 7.31 51.84 35.82
N ARG D 212 6.20 51.15 36.00
CA ARG D 212 4.97 51.49 35.32
C ARG D 212 4.36 52.76 35.90
N GLY D 213 3.74 53.56 35.03
CA GLY D 213 3.18 54.84 35.43
C GLY D 213 4.15 55.99 35.45
N GLU D 214 5.46 55.72 35.40
CA GLU D 214 6.48 56.77 35.39
C GLU D 214 6.89 57.17 33.99
N CYS D 215 6.68 56.31 32.99
CA CYS D 215 7.20 56.53 31.65
C CYS D 215 6.12 57.02 30.69
N GLN E 1 27.85 23.53 -16.14
CA GLN E 1 26.71 23.55 -17.04
C GLN E 1 25.58 22.69 -16.52
N VAL E 2 25.89 21.82 -15.56
CA VAL E 2 24.88 20.95 -14.97
C VAL E 2 23.96 21.78 -14.09
N GLN E 3 22.66 21.75 -14.40
CA GLN E 3 21.67 22.52 -13.67
C GLN E 3 20.66 21.59 -13.01
N LEU E 4 20.27 21.93 -11.78
CA LEU E 4 19.29 21.16 -11.02
C LEU E 4 18.31 22.13 -10.39
N VAL E 5 17.06 22.08 -10.83
CA VAL E 5 16.02 22.97 -10.34
C VAL E 5 14.94 22.15 -9.64
N GLU E 6 14.26 22.79 -8.70
CA GLU E 6 13.19 22.15 -7.92
C GLU E 6 11.96 23.05 -7.92
N SER E 7 10.80 22.44 -7.72
CA SER E 7 9.54 23.18 -7.72
C SER E 7 8.52 22.44 -6.86
N GLY E 8 7.59 23.20 -6.31
CA GLY E 8 6.47 22.62 -5.57
C GLY E 8 6.56 22.77 -4.06
N GLY E 9 7.04 23.91 -3.60
CA GLY E 9 7.18 24.12 -2.16
C GLY E 9 6.64 25.43 -1.64
N ASP E 10 5.67 25.36 -0.74
CA ASP E 10 5.13 26.53 -0.06
C ASP E 10 4.40 26.06 1.20
N VAL E 11 3.66 26.96 1.83
CA VAL E 11 2.99 26.64 3.08
C VAL E 11 1.80 25.73 2.81
N VAL E 12 1.77 24.58 3.48
CA VAL E 12 0.67 23.62 3.38
C VAL E 12 0.40 23.08 4.78
N GLN E 13 -0.88 23.03 5.15
CA GLN E 13 -1.27 22.51 6.45
C GLN E 13 -0.93 21.02 6.54
N PRO E 14 -0.76 20.49 7.76
CA PRO E 14 -0.36 19.08 7.92
C PRO E 14 -1.45 18.10 7.50
N GLY E 15 -2.60 18.60 7.05
CA GLY E 15 -3.70 17.74 6.65
C GLY E 15 -3.72 17.36 5.19
N ARG E 16 -2.90 18.03 4.38
CA ARG E 16 -2.84 17.83 2.93
C ARG E 16 -1.47 17.28 2.52
N SER E 17 -1.41 16.59 1.39
CA SER E 17 -0.16 16.03 0.88
C SER E 17 0.41 16.89 -0.22
N LEU E 18 1.72 16.77 -0.42
CA LEU E 18 2.44 17.57 -1.40
C LEU E 18 3.23 16.65 -2.32
N ARG E 19 3.74 17.23 -3.40
CA ARG E 19 4.56 16.51 -4.37
C ARG E 19 5.63 17.44 -4.91
N LEU E 20 6.89 17.00 -4.87
CA LEU E 20 8.01 17.78 -5.33
C LEU E 20 8.42 17.35 -6.74
N SER E 21 9.04 18.28 -7.47
CA SER E 21 9.48 18.05 -8.84
C SER E 21 10.93 18.49 -8.97
N CYS E 22 11.76 17.63 -9.56
CA CYS E 22 13.18 17.90 -9.74
C CYS E 22 13.56 17.58 -11.17
N ALA E 23 13.90 18.61 -11.94
CA ALA E 23 14.26 18.46 -13.35
C ALA E 23 15.77 18.59 -13.51
N ALA E 24 16.41 17.53 -14.01
CA ALA E 24 17.84 17.51 -14.21
C ALA E 24 18.20 17.89 -15.65
N SER E 25 19.42 18.36 -15.82
CA SER E 25 19.92 18.78 -17.13
C SER E 25 21.43 18.88 -17.08
N GLY E 26 22.05 18.82 -18.27
CA GLY E 26 23.48 18.93 -18.39
C GLY E 26 24.24 17.61 -18.35
N PHE E 27 23.56 16.50 -18.12
CA PHE E 27 24.21 15.20 -18.05
C PHE E 27 23.19 14.12 -18.39
N THR E 28 23.69 12.89 -18.48
CA THR E 28 22.83 11.73 -18.78
C THR E 28 22.03 11.39 -17.53
N PHE E 29 20.75 11.76 -17.54
CA PHE E 29 19.90 11.53 -16.37
C PHE E 29 19.62 10.05 -16.16
N SER E 30 19.60 9.25 -17.24
CA SER E 30 19.27 7.83 -17.13
C SER E 30 20.40 7.00 -16.54
N TYR E 31 21.62 7.52 -16.51
CA TYR E 31 22.77 6.78 -16.00
C TYR E 31 23.09 7.08 -14.54
N TYR E 32 22.48 8.11 -13.95
CA TYR E 32 22.77 8.52 -12.59
C TYR E 32 21.55 8.28 -11.70
N GLY E 33 21.83 8.00 -10.43
CA GLY E 33 20.80 7.84 -9.42
C GLY E 33 20.60 9.14 -8.65
N MET E 34 19.34 9.45 -8.34
CA MET E 34 18.97 10.69 -7.70
C MET E 34 18.71 10.47 -6.20
N HIS E 35 19.19 11.40 -5.39
CA HIS E 35 19.00 11.38 -3.94
C HIS E 35 18.05 12.48 -3.52
N TRP E 36 17.70 12.46 -2.24
CA TRP E 36 16.86 13.49 -1.64
C TRP E 36 17.31 13.72 -0.21
N VAL E 37 17.81 14.92 0.07
CA VAL E 37 18.30 15.29 1.39
C VAL E 37 17.57 16.53 1.86
N ARG E 38 16.98 16.47 3.05
CA ARG E 38 16.26 17.59 3.63
C ARG E 38 17.05 18.17 4.80
N GLN E 39 16.75 19.43 5.12
CA GLN E 39 17.42 20.13 6.20
C GLN E 39 16.46 21.06 6.92
N PRO E 40 16.04 20.72 8.13
CA PRO E 40 15.14 21.61 8.89
C PRO E 40 15.87 22.89 9.28
N PRO E 41 15.13 23.96 9.54
CA PRO E 41 15.79 25.23 9.89
C PRO E 41 16.56 25.13 11.19
N GLY E 42 17.83 25.50 11.14
CA GLY E 42 18.67 25.49 12.32
C GLY E 42 19.23 24.13 12.70
N LYS E 43 19.26 23.18 11.76
CA LYS E 43 19.79 21.85 12.04
C LYS E 43 20.62 21.41 10.84
N GLY E 44 21.12 20.17 10.91
CA GLY E 44 21.96 19.62 9.87
C GLY E 44 21.17 18.95 8.77
N LEU E 45 21.90 18.29 7.87
CA LEU E 45 21.30 17.60 6.75
C LEU E 45 20.73 16.24 7.19
N GLU E 46 19.88 15.68 6.34
CA GLU E 46 19.25 14.39 6.63
C GLU E 46 18.83 13.74 5.32
N TRP E 47 19.39 12.57 5.02
CA TRP E 47 19.00 11.84 3.82
C TRP E 47 17.59 11.28 3.98
N VAL E 48 16.87 11.20 2.85
CA VAL E 48 15.47 10.80 2.87
C VAL E 48 15.28 9.50 2.11
N THR E 49 15.57 9.51 0.80
CA THR E 49 15.29 8.36 -0.04
C THR E 49 16.34 8.26 -1.13
N ILE E 50 16.27 7.17 -1.89
CA ILE E 50 17.19 6.91 -2.99
C ILE E 50 16.48 6.04 -4.02
N ILE E 51 16.64 6.38 -5.30
CA ILE E 51 16.06 5.60 -6.39
C ILE E 51 17.18 5.22 -7.35
N SER E 52 17.02 4.06 -7.98
CA SER E 52 18.04 3.56 -8.89
C SER E 52 18.03 4.37 -10.20
N PHE E 53 19.03 4.09 -11.04
CA PHE E 53 19.14 4.80 -12.31
C PHE E 53 18.01 4.39 -13.27
N ASP E 54 17.52 3.16 -13.15
CA ASP E 54 16.43 2.70 -13.99
C ASP E 54 15.07 2.78 -13.32
N GLY E 55 15.00 2.54 -12.01
CA GLY E 55 13.74 2.63 -11.30
C GLY E 55 13.25 1.32 -10.73
N SER E 56 14.18 0.44 -10.35
CA SER E 56 13.82 -0.87 -9.80
C SER E 56 13.99 -0.95 -8.29
N GLN E 57 14.97 -0.25 -7.74
CA GLN E 57 15.26 -0.31 -6.30
C GLN E 57 14.91 1.04 -5.68
N LYS E 58 14.06 1.02 -4.66
CA LYS E 58 13.65 2.21 -3.94
C LYS E 58 13.76 1.96 -2.44
N TYR E 59 14.43 2.86 -1.73
CA TYR E 59 14.64 2.73 -0.30
C TYR E 59 14.24 4.03 0.39
N TYR E 60 13.59 3.90 1.55
CA TYR E 60 13.15 5.04 2.33
C TYR E 60 13.66 4.92 3.75
N ALA E 61 13.71 6.06 4.44
CA ALA E 61 14.13 6.09 5.84
C ALA E 61 12.96 5.77 6.75
N ASP E 62 13.29 5.25 7.94
CA ASP E 62 12.26 4.85 8.89
C ASP E 62 11.40 6.02 9.37
N SER E 63 11.90 7.25 9.24
CA SER E 63 11.13 8.41 9.65
C SER E 63 10.05 8.79 8.66
N VAL E 64 10.17 8.37 7.41
CA VAL E 64 9.20 8.73 6.36
C VAL E 64 8.74 7.48 5.63
N LYS E 65 9.00 6.31 6.20
CA LYS E 65 8.58 5.07 5.57
C LYS E 65 7.07 4.94 5.63
N GLY E 66 6.47 4.54 4.51
CA GLY E 66 5.04 4.38 4.40
C GLY E 66 4.29 5.64 4.03
N ARG E 67 4.94 6.81 4.07
CA ARG E 67 4.31 8.07 3.73
C ARG E 67 4.88 8.74 2.49
N PHE E 68 6.14 8.47 2.15
CA PHE E 68 6.77 9.07 0.98
C PHE E 68 6.84 8.05 -0.15
N THR E 69 6.94 8.57 -1.37
CA THR E 69 7.05 7.75 -2.57
C THR E 69 7.83 8.52 -3.61
N ILE E 70 8.92 7.92 -4.11
CA ILE E 70 9.80 8.56 -5.08
C ILE E 70 9.64 7.87 -6.42
N SER E 71 9.66 8.67 -7.49
CA SER E 71 9.57 8.15 -8.85
C SER E 71 10.36 9.06 -9.77
N ARG E 72 10.62 8.57 -10.98
CA ARG E 72 11.41 9.32 -11.94
C ARG E 72 11.04 8.87 -13.36
N ASP E 73 11.21 9.79 -14.30
CA ASP E 73 10.97 9.52 -15.72
C ASP E 73 12.24 9.86 -16.49
N ASN E 74 12.89 8.84 -17.05
CA ASN E 74 14.13 9.04 -17.78
C ASN E 74 13.93 9.73 -19.12
N SER E 75 12.70 9.79 -19.62
CA SER E 75 12.45 10.42 -20.90
C SER E 75 12.44 11.95 -20.79
N LYS E 76 11.76 12.47 -19.77
CA LYS E 76 11.65 13.91 -19.57
C LYS E 76 12.63 14.44 -18.54
N ASN E 77 13.40 13.57 -17.89
CA ASN E 77 14.42 13.97 -16.91
C ASN E 77 13.79 14.76 -15.76
N THR E 78 12.82 14.15 -15.09
CA THR E 78 12.12 14.77 -13.99
C THR E 78 12.00 13.77 -12.84
N VAL E 79 12.31 14.23 -11.62
CA VAL E 79 12.23 13.41 -10.42
C VAL E 79 11.01 13.85 -9.62
N PHE E 80 10.23 12.87 -9.17
CA PHE E 80 9.03 13.13 -8.38
C PHE E 80 9.19 12.57 -6.98
N LEU E 81 8.55 13.23 -6.02
CA LEU E 81 8.61 12.82 -4.62
C LEU E 81 7.22 13.09 -4.01
N GLN E 82 6.39 12.07 -3.97
CA GLN E 82 5.04 12.19 -3.42
C GLN E 82 5.12 12.14 -1.90
N MET E 83 4.96 13.30 -1.26
CA MET E 83 5.02 13.41 0.20
C MET E 83 3.60 13.42 0.75
N ASN E 84 3.22 12.34 1.42
CA ASN E 84 1.89 12.19 1.98
C ASN E 84 1.95 12.26 3.51
N SER E 85 0.85 12.69 4.11
CA SER E 85 0.73 12.82 5.57
C SER E 85 1.82 13.73 6.13
N LEU E 86 1.82 14.96 5.66
CA LEU E 86 2.81 15.94 6.10
C LEU E 86 2.58 16.32 7.56
N ARG E 87 3.64 16.85 8.19
CA ARG E 87 3.59 17.28 9.57
C ARG E 87 4.54 18.45 9.76
N THR E 88 4.44 19.10 10.93
CA THR E 88 5.23 20.31 11.17
C THR E 88 6.71 20.00 11.29
N GLU E 89 7.07 18.82 11.81
CA GLU E 89 8.47 18.46 11.96
C GLU E 89 9.15 18.15 10.64
N ASP E 90 8.38 18.01 9.55
CA ASP E 90 8.94 17.82 8.22
C ASP E 90 9.29 19.14 7.55
N THR E 91 9.22 20.25 8.26
CA THR E 91 9.52 21.56 7.69
C THR E 91 11.02 21.72 7.50
N GLY E 92 11.42 22.21 6.34
CA GLY E 92 12.83 22.40 6.05
C GLY E 92 13.06 22.47 4.56
N PHE E 93 14.33 22.70 4.22
CA PHE E 93 14.74 22.82 2.82
C PHE E 93 15.10 21.44 2.28
N TYR E 94 14.38 21.02 1.23
CA TYR E 94 14.66 19.76 0.57
C TYR E 94 15.62 20.00 -0.59
N TYR E 95 16.60 19.12 -0.73
CA TYR E 95 17.63 19.25 -1.75
C TYR E 95 17.60 18.05 -2.69
N CYS E 96 17.77 18.33 -3.99
CA CYS E 96 17.83 17.29 -5.01
C CYS E 96 19.28 17.09 -5.41
N ALA E 97 19.83 15.91 -5.15
CA ALA E 97 21.21 15.60 -5.46
C ALA E 97 21.28 14.30 -6.25
N ALA E 98 22.42 14.09 -6.90
CA ALA E 98 22.69 12.89 -7.67
C ALA E 98 24.00 12.28 -7.23
N GLN E 99 24.02 10.95 -7.11
CA GLN E 99 25.22 10.27 -6.66
C GLN E 99 26.27 10.25 -7.77
N SER E 100 27.48 9.82 -7.40
CA SER E 100 28.60 9.77 -8.33
C SER E 100 28.74 8.37 -8.92
N SER E 101 29.51 8.29 -10.00
CA SER E 101 29.75 7.02 -10.68
C SER E 101 31.10 6.40 -10.33
N THR E 102 31.96 7.12 -9.61
CA THR E 102 33.27 6.61 -9.23
C THR E 102 33.16 5.81 -7.93
N TRP E 103 34.31 5.46 -7.35
CA TRP E 103 34.35 4.70 -6.12
C TRP E 103 35.36 5.33 -5.18
N PRO E 104 34.99 5.64 -3.92
CA PRO E 104 33.65 5.44 -3.36
C PRO E 104 32.62 6.44 -3.87
N GLU E 105 31.34 6.14 -3.65
CA GLU E 105 30.27 7.00 -4.14
C GLU E 105 30.11 8.22 -3.24
N TYR E 106 29.71 9.34 -3.85
CA TYR E 106 29.50 10.58 -3.14
C TYR E 106 28.43 11.39 -3.87
N PHE E 107 28.08 12.54 -3.31
CA PHE E 107 27.11 13.45 -3.91
C PHE E 107 27.86 14.47 -4.76
N GLN E 108 27.74 14.33 -6.08
CA GLN E 108 28.49 15.17 -7.01
C GLN E 108 27.75 16.47 -7.33
N TYR E 109 26.47 16.38 -7.66
CA TYR E 109 25.68 17.54 -8.06
C TYR E 109 24.62 17.86 -7.02
N TRP E 110 24.26 19.14 -6.95
CA TRP E 110 23.28 19.62 -5.99
C TRP E 110 22.41 20.69 -6.65
N GLY E 111 21.22 20.88 -6.08
CA GLY E 111 20.31 21.92 -6.51
C GLY E 111 20.19 23.03 -5.47
N GLN E 112 19.49 24.10 -5.87
CA GLN E 112 19.32 25.23 -4.97
C GLN E 112 18.37 24.92 -3.82
N GLY E 113 17.50 23.94 -3.97
CA GLY E 113 16.60 23.55 -2.91
C GLY E 113 15.31 24.34 -2.90
N THR E 114 14.33 23.80 -2.18
CA THR E 114 13.02 24.43 -2.05
C THR E 114 12.57 24.34 -0.60
N LEU E 115 11.76 25.31 -0.18
CA LEU E 115 11.28 25.39 1.19
C LEU E 115 9.86 24.83 1.27
N VAL E 116 9.61 24.00 2.28
CA VAL E 116 8.31 23.39 2.51
C VAL E 116 7.91 23.71 3.94
N THR E 117 7.09 24.75 4.13
CA THR E 117 6.62 25.14 5.45
C THR E 117 5.31 24.43 5.75
N VAL E 118 5.24 23.78 6.92
CA VAL E 118 4.06 23.02 7.32
C VAL E 118 3.67 23.50 8.72
N SER E 119 2.61 24.31 8.79
CA SER E 119 2.05 24.72 10.07
C SER E 119 0.55 24.92 9.89
N SER E 120 -0.21 24.70 10.96
CA SER E 120 -1.65 24.82 10.88
C SER E 120 -2.10 26.27 10.75
N ALA E 121 -1.33 27.20 11.32
CA ALA E 121 -1.70 28.60 11.25
C ALA E 121 -1.66 29.10 9.81
N SER E 122 -2.72 29.77 9.38
CA SER E 122 -2.85 30.25 8.02
C SER E 122 -2.29 31.67 7.92
N THR E 123 -2.59 32.35 6.81
CA THR E 123 -2.04 33.68 6.56
C THR E 123 -2.69 34.72 7.47
N LYS E 124 -1.87 35.62 8.00
CA LYS E 124 -2.35 36.71 8.84
C LYS E 124 -1.49 37.94 8.57
N GLY E 125 -2.04 39.11 8.89
CA GLY E 125 -1.36 40.36 8.66
C GLY E 125 -0.59 40.84 9.88
N PRO E 126 0.57 41.44 9.64
CA PRO E 126 1.39 41.92 10.76
C PRO E 126 0.86 43.19 11.37
N SER E 127 1.12 43.34 12.67
CA SER E 127 0.79 44.54 13.42
C SER E 127 2.05 45.05 14.10
N VAL E 128 2.34 46.35 13.92
CA VAL E 128 3.59 46.93 14.38
C VAL E 128 3.36 47.73 15.65
N PHE E 129 4.42 47.86 16.46
CA PHE E 129 4.38 48.63 17.70
C PHE E 129 5.70 49.36 17.83
N PRO E 130 5.68 50.67 18.12
CA PRO E 130 6.95 51.41 18.26
C PRO E 130 7.67 51.05 19.55
N LEU E 131 9.00 51.05 19.47
CA LEU E 131 9.86 50.77 20.63
C LEU E 131 10.79 51.96 20.84
N ALA E 132 10.63 52.64 21.96
CA ALA E 132 11.44 53.81 22.29
C ALA E 132 11.80 53.78 23.76
N PRO E 133 12.99 54.27 24.12
CA PRO E 133 13.37 54.29 25.53
C PRO E 133 12.57 55.31 26.31
N CYS E 134 12.54 55.12 27.63
CA CYS E 134 11.78 55.99 28.52
C CYS E 134 12.54 56.25 29.82
N SER E 141 25.84 60.51 25.42
CA SER E 141 25.33 59.14 25.36
C SER E 141 24.78 58.82 23.98
N THR E 142 24.30 57.58 23.81
CA THR E 142 23.72 57.12 22.55
C THR E 142 22.45 56.35 22.85
N ALA E 143 21.37 56.71 22.16
CA ALA E 143 20.08 56.07 22.34
C ALA E 143 19.80 55.09 21.21
N ALA E 144 18.75 54.29 21.38
CA ALA E 144 18.34 53.29 20.40
C ALA E 144 16.85 53.39 20.16
N LEU E 145 16.46 53.29 18.88
CA LEU E 145 15.06 53.34 18.50
C LEU E 145 14.73 52.15 17.61
N GLY E 146 13.45 51.82 17.54
CA GLY E 146 13.04 50.69 16.72
C GLY E 146 11.54 50.50 16.78
N CYS E 147 11.08 49.53 16.00
CA CYS E 147 9.67 49.16 15.98
C CYS E 147 9.55 47.65 16.01
N LEU E 148 8.54 47.14 16.71
CA LEU E 148 8.35 45.72 16.91
C LEU E 148 7.26 45.19 15.98
N VAL E 149 7.52 44.02 15.38
CA VAL E 149 6.57 43.38 14.48
C VAL E 149 6.18 42.04 15.09
N LYS E 150 4.87 41.83 15.27
CA LYS E 150 4.36 40.61 15.87
C LYS E 150 3.13 40.13 15.12
N ASP E 151 2.84 38.83 15.26
CA ASP E 151 1.62 38.21 14.73
C ASP E 151 1.52 38.38 13.21
N TYR E 152 2.49 37.78 12.51
CA TYR E 152 2.49 37.78 11.06
C TYR E 152 2.79 36.38 10.54
N PHE E 153 2.29 36.09 9.34
CA PHE E 153 2.50 34.82 8.68
C PHE E 153 2.13 34.94 7.20
N PRO E 154 2.98 34.45 6.28
CA PRO E 154 4.28 33.87 6.56
C PRO E 154 5.44 34.82 6.30
N GLU E 155 6.67 34.35 6.49
CA GLU E 155 7.85 35.14 6.16
C GLU E 155 8.07 35.15 4.66
N PRO E 156 8.85 36.12 4.14
CA PRO E 156 9.56 37.20 4.85
C PRO E 156 8.83 38.54 4.89
N VAL E 157 9.41 39.49 5.63
CA VAL E 157 8.88 40.85 5.74
C VAL E 157 10.06 41.82 5.62
N THR E 158 9.91 42.84 4.79
CA THR E 158 10.96 43.82 4.56
C THR E 158 10.80 45.00 5.52
N VAL E 159 11.85 45.28 6.28
CA VAL E 159 11.86 46.40 7.22
C VAL E 159 12.97 47.36 6.82
N SER E 160 12.62 48.62 6.60
CA SER E 160 13.57 49.66 6.26
C SER E 160 13.34 50.87 7.14
N TRP E 161 14.20 51.87 6.99
CA TRP E 161 14.12 53.09 7.79
C TRP E 161 14.41 54.30 6.91
N ASN E 162 13.51 55.29 6.97
CA ASN E 162 13.65 56.53 6.22
C ASN E 162 13.80 56.28 4.72
N SER E 163 12.94 55.40 4.19
CA SER E 163 12.93 55.05 2.78
C SER E 163 14.29 54.52 2.31
N GLY E 164 14.98 53.79 3.18
CA GLY E 164 16.27 53.22 2.85
C GLY E 164 17.44 54.17 2.91
N ALA E 165 17.22 55.43 3.27
CA ALA E 165 18.31 56.40 3.35
C ALA E 165 19.17 56.22 4.60
N LEU E 166 18.74 55.39 5.55
CA LEU E 166 19.48 55.15 6.77
C LEU E 166 19.71 53.65 6.92
N THR E 167 20.98 53.25 6.95
CA THR E 167 21.32 51.83 7.08
C THR E 167 22.41 51.56 8.12
N SER E 168 22.96 52.59 8.76
CA SER E 168 24.00 52.41 9.76
C SER E 168 23.36 52.21 11.14
N GLY E 169 23.77 51.14 11.81
CA GLY E 169 23.25 50.86 13.14
C GLY E 169 21.94 50.10 13.17
N VAL E 170 21.50 49.57 12.03
CA VAL E 170 20.25 48.81 11.96
C VAL E 170 20.57 47.34 12.17
N HIS E 171 19.91 46.72 13.15
CA HIS E 171 20.10 45.31 13.47
C HIS E 171 18.73 44.63 13.50
N THR E 172 18.40 43.93 12.43
CA THR E 172 17.13 43.21 12.32
C THR E 172 17.32 41.79 12.81
N PHE E 173 16.54 41.39 13.81
CA PHE E 173 16.65 40.06 14.38
C PHE E 173 15.81 39.06 13.59
N PRO E 174 16.25 37.80 13.52
CA PRO E 174 15.49 36.79 12.77
C PRO E 174 14.14 36.53 13.42
N ALA E 175 13.26 35.89 12.65
CA ALA E 175 11.94 35.57 13.12
C ALA E 175 11.98 34.44 14.15
N VAL E 176 11.11 34.54 15.16
CA VAL E 176 11.00 33.54 16.22
C VAL E 176 9.64 32.89 16.11
N LEU E 177 9.62 31.58 15.90
CA LEU E 177 8.37 30.82 15.80
C LEU E 177 7.77 30.68 17.18
N GLN E 178 6.77 31.51 17.48
CA GLN E 178 6.09 31.44 18.76
C GLN E 178 5.18 30.21 18.82
N SER E 179 4.65 29.96 20.01
CA SER E 179 3.74 28.83 20.21
C SER E 179 2.37 29.06 19.57
N SER E 180 2.06 30.29 19.19
CA SER E 180 0.78 30.62 18.58
C SER E 180 0.76 30.34 17.07
N GLY E 181 1.83 29.78 16.52
CA GLY E 181 1.88 29.48 15.10
C GLY E 181 2.30 30.63 14.22
N LEU E 182 2.58 31.80 14.81
CA LEU E 182 2.98 32.97 14.05
C LEU E 182 4.39 33.39 14.46
N TYR E 183 5.04 34.15 13.59
CA TYR E 183 6.40 34.60 13.80
C TYR E 183 6.43 36.04 14.30
N SER E 184 7.61 36.47 14.76
CA SER E 184 7.80 37.81 15.25
C SER E 184 9.27 38.15 15.23
N LEU E 185 9.59 39.40 14.87
CA LEU E 185 10.97 39.87 14.83
C LEU E 185 10.98 41.34 15.25
N SER E 186 12.18 41.93 15.26
CA SER E 186 12.34 43.30 15.69
C SER E 186 13.53 43.92 14.95
N SER E 187 13.57 45.25 14.95
CA SER E 187 14.65 46.01 14.34
C SER E 187 14.97 47.19 15.23
N VAL E 188 16.26 47.40 15.52
CA VAL E 188 16.71 48.47 16.39
C VAL E 188 17.69 49.34 15.63
N VAL E 189 17.59 50.66 15.84
CA VAL E 189 18.48 51.64 15.23
C VAL E 189 19.09 52.48 16.34
N THR E 190 20.42 52.54 16.37
CA THR E 190 21.16 53.26 17.41
C THR E 190 21.78 54.53 16.80
N VAL E 191 21.32 55.68 17.26
CA VAL E 191 21.83 56.97 16.81
C VAL E 191 22.18 57.80 18.04
N PRO E 192 23.08 58.78 17.88
CA PRO E 192 23.50 59.59 19.04
C PRO E 192 22.32 60.30 19.71
N SER E 193 22.49 60.58 21.00
CA SER E 193 21.42 61.14 21.83
C SER E 193 21.08 62.58 21.50
N SER E 194 21.87 63.25 20.67
CA SER E 194 21.59 64.62 20.28
C SER E 194 20.60 64.72 19.12
N SER E 195 19.92 63.63 18.77
CA SER E 195 19.02 63.59 17.64
C SER E 195 17.55 63.45 18.01
N LEU E 196 17.24 63.11 19.25
CA LEU E 196 15.85 62.88 19.64
C LEU E 196 15.02 64.16 19.67
N GLY E 197 15.65 65.33 19.60
CA GLY E 197 14.92 66.58 19.61
C GLY E 197 14.36 66.96 18.26
N THR E 198 15.14 66.73 17.20
CA THR E 198 14.76 67.11 15.84
C THR E 198 14.64 65.93 14.89
N LYS E 199 15.53 64.94 14.99
CA LYS E 199 15.53 63.81 14.07
C LYS E 199 14.51 62.79 14.52
N THR E 200 13.40 62.69 13.80
CA THR E 200 12.37 61.69 14.06
C THR E 200 12.48 60.57 13.02
N TYR E 201 12.37 59.34 13.49
CA TYR E 201 12.57 58.18 12.64
C TYR E 201 11.30 57.34 12.59
N THR E 202 11.07 56.72 11.44
CA THR E 202 9.94 55.83 11.24
C THR E 202 10.38 54.60 10.47
N CYS E 203 9.77 53.46 10.80
CA CYS E 203 10.09 52.20 10.15
C CYS E 203 9.01 51.83 9.14
N ASN E 204 9.42 51.16 8.07
CA ASN E 204 8.53 50.75 7.00
C ASN E 204 8.48 49.23 6.95
N VAL E 205 7.29 48.66 7.16
CA VAL E 205 7.09 47.22 7.18
C VAL E 205 6.31 46.83 5.93
N ASP E 206 6.81 45.83 5.21
CA ASP E 206 6.19 45.36 3.98
C ASP E 206 5.88 43.88 4.10
N HIS E 207 4.73 43.47 3.57
CA HIS E 207 4.31 42.06 3.55
C HIS E 207 3.60 41.80 2.23
N LYS E 208 4.19 40.97 1.39
CA LYS E 208 3.58 40.72 0.10
C LYS E 208 2.43 39.71 0.06
N PRO E 209 2.59 38.57 0.74
CA PRO E 209 1.48 37.61 0.65
C PRO E 209 0.17 38.13 1.23
N SER E 210 0.22 38.65 2.45
CA SER E 210 -0.97 39.07 3.16
C SER E 210 -1.48 40.45 2.72
N ASN E 211 -0.81 41.09 1.77
CA ASN E 211 -1.17 42.43 1.28
C ASN E 211 -1.22 43.42 2.45
N THR E 212 -0.05 43.66 3.04
CA THR E 212 0.09 44.53 4.19
C THR E 212 1.29 45.44 4.01
N LYS E 213 1.05 46.75 4.08
CA LYS E 213 2.11 47.75 4.07
C LYS E 213 1.80 48.76 5.16
N VAL E 214 2.58 48.74 6.24
CA VAL E 214 2.30 49.55 7.43
C VAL E 214 3.51 50.41 7.74
N ASP E 215 3.29 51.70 7.92
CA ASP E 215 4.32 52.64 8.38
C ASP E 215 3.97 53.12 9.78
N LYS E 216 4.99 53.21 10.63
CA LYS E 216 4.79 53.61 12.02
C LYS E 216 5.85 54.63 12.42
N ARG E 217 5.41 55.75 13.00
CA ARG E 217 6.32 56.79 13.49
C ARG E 217 6.73 56.44 14.91
N VAL E 218 8.02 56.19 15.11
CA VAL E 218 8.55 55.81 16.42
C VAL E 218 9.08 57.07 17.11
N GLU E 219 8.49 57.42 18.24
CA GLU E 219 8.90 58.58 19.01
C GLU E 219 8.32 58.49 20.41
N SER E 220 9.08 58.95 21.39
CA SER E 220 8.66 58.94 22.77
C SER E 220 8.40 60.36 23.29
#